data_5IZ1
#
_entry.id   5IZ1
#
_cell.length_a   74.075
_cell.length_b   84.803
_cell.length_c   105.748
_cell.angle_alpha   90.00
_cell.angle_beta   104.59
_cell.angle_gamma   90.00
#
_symmetry.space_group_name_H-M   'P 1 21 1'
#
_entity_poly.entity_id   1
_entity_poly.type   'polypeptide(L)'
_entity_poly.pdbx_seq_one_letter_code
;ITTFTTWLLKQEQAGVIDGELTIVLSSISLACKQIASLVQRAGISNLTGLQGVANIQGEDQKKLDVISNEVFSSCLRSSG
RTGIIASEEEDTPVAVEESYSGNYIVVFDPLDGSSNIDAAVSTGSIFGIYKPNEECLTDLGENPTIDEVAQNCVVNVCQP
GSNLLSAGYCMYSSSVILVLSVGHGVYGFTLDPLYGEFVLSHEEIKIPKSGKIYSFNEGNYALWDDKLKKYVDSLKDPGP
SGKPYSARYIGSLVGDFHRTMLYGGIYGYPRDSKSKNGKLRLLYECAPMSYLAEQAGGKGSDGHQRILDIQPEQVHQRVP
LYVGSTEEVEKLEKFLA
;
_entity_poly.pdbx_strand_id   A,B,C,D
#
# COMPACT_ATOMS: atom_id res chain seq x y z
N ILE A 1 -8.19 -18.00 7.81
CA ILE A 1 -6.99 -17.09 7.67
C ILE A 1 -6.19 -17.06 8.96
N THR A 2 -4.99 -17.63 8.94
CA THR A 2 -4.14 -17.65 10.12
C THR A 2 -2.94 -16.79 9.84
N THR A 3 -2.73 -15.77 10.64
CA THR A 3 -1.58 -14.93 10.46
C THR A 3 -0.39 -15.59 11.11
N PHE A 4 0.77 -15.02 10.80
CA PHE A 4 2.01 -15.37 11.46
C PHE A 4 1.91 -15.14 12.96
N THR A 5 1.24 -14.06 13.34
CA THR A 5 1.09 -13.72 14.74
C THR A 5 0.31 -14.83 15.45
N THR A 6 -0.93 -15.04 15.03
CA THR A 6 -1.80 -16.10 15.53
C THR A 6 -1.02 -17.37 15.70
N TRP A 7 -0.44 -17.81 14.59
CA TRP A 7 0.25 -19.07 14.57
C TRP A 7 1.39 -19.12 15.60
N LEU A 8 2.23 -18.09 15.60
CA LEU A 8 3.31 -17.96 16.61
C LEU A 8 2.80 -18.19 18.02
N LEU A 9 1.84 -17.37 18.42
CA LEU A 9 1.20 -17.54 19.71
C LEU A 9 0.77 -18.99 19.94
N LYS A 10 0.07 -19.58 18.96
CA LYS A 10 -0.42 -20.95 19.09
C LYS A 10 0.71 -21.99 19.26
N GLN A 11 1.91 -21.63 18.80
CA GLN A 11 3.10 -22.43 19.08
C GLN A 11 3.50 -22.30 20.53
N GLU A 12 3.57 -21.06 21.02
CA GLU A 12 3.80 -20.83 22.44
C GLU A 12 2.67 -21.42 23.27
N GLN A 13 1.48 -21.49 22.68
CA GLN A 13 0.29 -22.09 23.30
C GLN A 13 0.56 -23.55 23.60
N ALA A 14 0.88 -24.32 22.56
CA ALA A 14 1.29 -25.71 22.76
C ALA A 14 2.70 -25.81 23.38
N GLY A 15 3.13 -24.75 24.08
CA GLY A 15 4.44 -24.68 24.77
C GLY A 15 5.64 -25.17 23.98
N VAL A 16 5.54 -25.07 22.65
CA VAL A 16 6.64 -25.41 21.77
C VAL A 16 7.75 -24.37 21.94
N ILE A 17 7.34 -23.14 22.22
CA ILE A 17 8.27 -22.04 22.43
C ILE A 17 7.86 -21.27 23.67
N ASP A 18 8.77 -20.44 24.15
CA ASP A 18 8.45 -19.54 25.23
C ASP A 18 8.12 -18.17 24.68
N GLY A 19 7.52 -17.33 25.52
CA GLY A 19 7.25 -15.95 25.18
C GLY A 19 8.50 -15.24 24.70
N GLU A 20 9.56 -15.35 25.48
CA GLU A 20 10.77 -14.58 25.22
C GLU A 20 11.26 -14.77 23.80
N LEU A 21 10.96 -15.96 23.26
CA LEU A 21 11.27 -16.33 21.88
C LEU A 21 10.19 -15.90 20.89
N THR A 22 8.93 -16.06 21.28
CA THR A 22 7.83 -15.59 20.44
C THR A 22 8.09 -14.12 20.09
N ILE A 23 8.76 -13.40 20.98
CA ILE A 23 9.10 -12.01 20.74
C ILE A 23 10.22 -11.86 19.72
N VAL A 24 11.25 -12.66 19.86
CA VAL A 24 12.36 -12.59 18.92
C VAL A 24 11.87 -12.81 17.48
N LEU A 25 11.09 -13.88 17.29
CA LEU A 25 10.55 -14.24 15.98
C LEU A 25 9.60 -13.23 15.38
N SER A 26 8.73 -12.70 16.24
CA SER A 26 7.82 -11.63 15.85
C SER A 26 8.58 -10.38 15.44
N SER A 27 9.58 -10.01 16.22
CA SER A 27 10.46 -8.89 15.89
C SER A 27 11.12 -9.07 14.52
N ILE A 28 11.59 -10.29 14.28
CA ILE A 28 12.25 -10.61 13.02
C ILE A 28 11.34 -10.41 11.81
N SER A 29 10.11 -10.90 11.91
CA SER A 29 9.17 -10.77 10.80
C SER A 29 9.00 -9.31 10.39
N LEU A 30 8.84 -8.43 11.37
CA LEU A 30 8.75 -7.01 11.05
C LEU A 30 9.96 -6.59 10.23
N ALA A 31 11.16 -6.81 10.78
CA ALA A 31 12.39 -6.39 10.11
C ALA A 31 12.34 -6.82 8.65
N CYS A 32 11.76 -7.99 8.40
CA CYS A 32 11.65 -8.51 7.05
C CYS A 32 10.72 -7.67 6.21
N LYS A 33 9.54 -7.35 6.73
CA LYS A 33 8.63 -6.44 6.06
C LYS A 33 9.33 -5.16 5.63
N GLN A 34 10.19 -4.64 6.50
CA GLN A 34 10.86 -3.37 6.23
C GLN A 34 11.93 -3.49 5.15
N ILE A 35 12.62 -4.62 5.15
CA ILE A 35 13.63 -4.88 4.15
C ILE A 35 12.99 -5.12 2.78
N ALA A 36 11.80 -5.69 2.77
CA ALA A 36 11.10 -5.92 1.53
C ALA A 36 10.90 -4.61 0.82
N SER A 37 10.45 -3.60 1.55
CA SER A 37 10.30 -2.26 0.98
C SER A 37 11.59 -1.81 0.37
N LEU A 38 12.61 -1.72 1.19
CA LEU A 38 13.91 -1.34 0.71
C LEU A 38 14.12 -1.89 -0.67
N VAL A 39 13.86 -3.18 -0.81
CA VAL A 39 14.18 -3.89 -2.04
C VAL A 39 13.25 -3.50 -3.15
N GLN A 40 12.02 -3.11 -2.85
CA GLN A 40 11.10 -2.67 -3.90
C GLN A 40 11.34 -1.21 -4.31
N ARG A 41 11.34 -0.32 -3.30
CA ARG A 41 11.89 1.05 -3.38
C ARG A 41 13.39 0.94 -3.72
N ALA A 42 13.77 0.06 -4.65
CA ALA A 42 15.18 -0.32 -4.79
C ALA A 42 16.01 0.83 -5.32
N GLY A 43 15.70 1.25 -6.55
CA GLY A 43 16.44 2.30 -7.23
C GLY A 43 15.70 3.61 -7.37
N ILE A 44 14.79 3.88 -6.43
CA ILE A 44 14.15 5.22 -6.30
C ILE A 44 14.92 6.08 -5.27
N SER A 45 15.23 5.50 -4.10
CA SER A 45 16.04 6.19 -3.08
C SER A 45 17.48 6.34 -3.53
N ASN A 46 17.98 5.32 -4.23
CA ASN A 46 19.34 5.32 -4.78
C ASN A 46 19.54 6.25 -6.01
N LEU A 47 18.50 7.00 -6.39
CA LEU A 47 18.67 8.11 -7.35
C LEU A 47 19.31 9.32 -6.60
N THR A 48 19.10 9.38 -5.28
CA THR A 48 19.72 10.42 -4.41
C THR A 48 21.18 10.09 -4.08
N GLY A 58 28.55 0.50 -10.76
CA GLY A 58 27.64 -0.64 -10.78
C GLY A 58 27.26 -1.18 -9.40
N GLU A 59 26.73 -0.32 -8.52
CA GLU A 59 26.58 -0.66 -7.08
C GLU A 59 25.34 -0.09 -6.42
N ASP A 60 24.46 -1.00 -6.02
CA ASP A 60 23.27 -0.71 -5.22
C ASP A 60 23.00 -1.76 -4.12
N GLN A 61 23.26 -3.01 -4.47
CA GLN A 61 23.11 -4.15 -3.58
C GLN A 61 23.91 -4.02 -2.29
N LYS A 62 25.18 -3.60 -2.39
CA LYS A 62 26.04 -3.53 -1.16
C LYS A 62 25.67 -2.43 -0.18
N LYS A 63 25.36 -1.23 -0.69
CA LYS A 63 24.90 -0.12 0.16
C LYS A 63 23.63 -0.52 0.91
N LEU A 64 22.89 -1.46 0.31
CA LEU A 64 21.66 -1.99 0.84
C LEU A 64 21.85 -3.11 1.90
N ASP A 65 22.88 -3.94 1.73
CA ASP A 65 23.26 -4.95 2.75
C ASP A 65 23.32 -4.28 4.10
N VAL A 66 23.99 -3.12 4.09
CA VAL A 66 24.29 -2.32 5.28
C VAL A 66 23.01 -1.95 6.02
N ILE A 67 22.15 -1.24 5.29
CA ILE A 67 20.95 -0.65 5.81
C ILE A 67 20.11 -1.72 6.47
N SER A 68 19.99 -2.86 5.80
CA SER A 68 19.17 -3.96 6.27
C SER A 68 19.59 -4.51 7.62
N ASN A 69 20.88 -4.41 7.94
CA ASN A 69 21.37 -4.82 9.26
C ASN A 69 20.98 -3.80 10.31
N GLU A 70 21.00 -2.53 9.94
CA GLU A 70 20.53 -1.44 10.82
C GLU A 70 19.08 -1.70 11.18
N VAL A 71 18.31 -2.10 10.17
CA VAL A 71 16.90 -2.41 10.36
C VAL A 71 16.74 -3.56 11.34
N PHE A 72 17.49 -4.64 11.11
CA PHE A 72 17.50 -5.80 12.01
C PHE A 72 17.80 -5.35 13.44
N SER A 73 18.81 -4.50 13.59
CA SER A 73 19.30 -4.05 14.88
C SER A 73 18.15 -3.47 15.67
N SER A 74 17.54 -2.42 15.11
CA SER A 74 16.48 -1.71 15.80
C SER A 74 15.33 -2.62 16.14
N CYS A 75 14.95 -3.47 15.19
CA CYS A 75 13.75 -4.29 15.36
C CYS A 75 13.83 -5.29 16.54
N LEU A 76 15.04 -5.61 17.01
CA LEU A 76 15.20 -6.50 18.17
C LEU A 76 15.88 -5.85 19.37
N ARG A 77 16.04 -4.54 19.31
CA ARG A 77 16.67 -3.78 20.40
C ARG A 77 16.07 -4.20 21.74
N SER A 78 14.75 -4.38 21.75
CA SER A 78 14.01 -4.87 22.93
C SER A 78 14.55 -6.19 23.49
N SER A 79 14.74 -7.16 22.60
CA SER A 79 15.12 -8.49 23.02
C SER A 79 16.60 -8.55 23.36
N GLY A 80 17.45 -7.91 22.55
CA GLY A 80 18.90 -8.07 22.74
C GLY A 80 19.79 -6.99 22.17
N ARG A 81 21.09 -7.27 22.22
CA ARG A 81 22.11 -6.37 21.66
C ARG A 81 22.77 -7.08 20.50
N THR A 82 23.11 -6.30 19.48
CA THR A 82 23.44 -6.86 18.17
C THR A 82 24.63 -6.14 17.53
N GLY A 83 25.53 -6.93 16.93
CA GLY A 83 26.77 -6.44 16.33
C GLY A 83 27.06 -7.10 14.99
N ILE A 84 28.03 -6.56 14.25
CA ILE A 84 28.21 -6.91 12.84
C ILE A 84 29.58 -7.46 12.51
N ILE A 85 29.61 -8.72 12.09
CA ILE A 85 30.79 -9.36 11.51
C ILE A 85 30.94 -8.83 10.08
N ALA A 86 31.95 -8.00 9.86
CA ALA A 86 32.10 -7.22 8.61
C ALA A 86 32.25 -8.10 7.36
N SER A 87 32.26 -7.47 6.18
CA SER A 87 32.47 -8.18 4.91
C SER A 87 33.97 -8.19 4.58
N GLU A 88 34.61 -9.31 4.92
CA GLU A 88 36.06 -9.40 5.00
C GLU A 88 36.73 -9.60 3.61
N GLU A 89 35.88 -9.87 2.60
CA GLU A 89 36.23 -10.14 1.18
C GLU A 89 35.14 -9.45 0.33
N GLU A 90 34.51 -10.18 -0.60
CA GLU A 90 33.31 -9.75 -1.29
C GLU A 90 32.10 -10.53 -0.79
N ASP A 91 31.59 -10.14 0.36
CA ASP A 91 30.46 -10.82 0.96
C ASP A 91 29.43 -9.87 1.55
N THR A 92 28.40 -10.45 2.16
CA THR A 92 27.44 -9.70 2.92
C THR A 92 27.99 -9.65 4.36
N PRO A 93 27.89 -8.48 5.03
CA PRO A 93 28.13 -8.44 6.46
C PRO A 93 26.96 -9.07 7.19
N VAL A 94 27.24 -9.74 8.30
CA VAL A 94 26.25 -10.56 8.99
C VAL A 94 25.95 -10.01 10.38
N ALA A 95 24.70 -9.66 10.66
CA ALA A 95 24.33 -9.24 12.00
C ALA A 95 24.13 -10.44 12.93
N VAL A 96 24.40 -10.21 14.23
CA VAL A 96 24.19 -11.19 15.29
C VAL A 96 23.57 -10.51 16.50
N GLU A 97 22.46 -11.05 17.00
CA GLU A 97 21.84 -10.53 18.21
C GLU A 97 22.13 -11.51 19.33
N GLU A 98 22.43 -10.97 20.51
CA GLU A 98 22.63 -11.77 21.73
C GLU A 98 21.59 -11.28 22.73
N SER A 99 20.69 -12.17 23.14
CA SER A 99 19.58 -11.80 24.01
C SER A 99 20.13 -11.27 25.33
N TYR A 100 19.51 -10.21 25.87
CA TYR A 100 19.87 -9.70 27.19
C TYR A 100 19.68 -10.85 28.18
N SER A 101 18.51 -11.46 28.12
CA SER A 101 18.19 -12.68 28.82
C SER A 101 19.31 -13.75 28.76
N GLY A 102 20.10 -13.73 27.69
CA GLY A 102 21.23 -14.64 27.52
C GLY A 102 20.86 -16.03 27.04
N ASN A 103 19.55 -16.30 26.89
CA ASN A 103 19.03 -17.63 26.56
C ASN A 103 19.17 -17.94 25.08
N TYR A 104 19.17 -16.91 24.23
CA TYR A 104 19.13 -17.09 22.77
C TYR A 104 20.21 -16.26 22.03
N ILE A 105 20.58 -16.74 20.83
CA ILE A 105 21.43 -16.01 19.86
C ILE A 105 20.94 -16.18 18.44
N VAL A 106 20.86 -15.06 17.72
CA VAL A 106 20.32 -15.05 16.38
C VAL A 106 21.35 -14.63 15.34
N VAL A 107 21.52 -15.44 14.29
CA VAL A 107 22.43 -15.09 13.20
C VAL A 107 21.67 -14.79 11.91
N PHE A 108 21.91 -13.58 11.40
CA PHE A 108 21.09 -12.98 10.39
C PHE A 108 21.93 -12.57 9.17
N ASP A 109 21.78 -13.32 8.09
CA ASP A 109 22.28 -12.90 6.78
C ASP A 109 21.21 -11.98 6.23
N PRO A 110 21.54 -10.69 6.03
CA PRO A 110 20.48 -9.74 5.63
C PRO A 110 19.98 -10.01 4.20
N LEU A 111 20.89 -10.15 3.23
CA LEU A 111 20.52 -10.46 1.85
C LEU A 111 21.45 -11.49 1.24
N ASP A 112 20.88 -12.52 0.64
CA ASP A 112 21.71 -13.61 0.10
C ASP A 112 23.08 -13.09 -0.43
N GLY A 113 23.04 -12.14 -1.36
CA GLY A 113 24.21 -11.82 -2.16
C GLY A 113 24.59 -10.36 -2.10
N SER A 114 25.76 -10.05 -2.65
CA SER A 114 26.24 -8.66 -2.80
C SER A 114 26.43 -8.27 -4.28
N SER A 115 25.96 -9.11 -5.21
CA SER A 115 26.05 -8.83 -6.64
C SER A 115 24.78 -8.21 -7.15
N ASN A 116 24.92 -7.16 -7.96
CA ASN A 116 23.78 -6.52 -8.61
C ASN A 116 23.03 -7.48 -9.52
N ILE A 117 23.80 -8.24 -10.30
CA ILE A 117 23.30 -9.23 -11.25
C ILE A 117 22.41 -10.29 -10.60
N ASP A 118 22.93 -10.89 -9.52
CA ASP A 118 22.29 -12.04 -8.88
C ASP A 118 21.01 -11.64 -8.14
N ALA A 119 20.91 -10.36 -7.80
CA ALA A 119 19.72 -9.82 -7.15
C ALA A 119 18.77 -9.08 -8.09
N ALA A 120 18.92 -9.27 -9.40
CA ALA A 120 18.19 -8.49 -10.40
C ALA A 120 16.72 -8.85 -10.48
N VAL A 121 16.35 -10.01 -9.92
CA VAL A 121 14.93 -10.40 -9.80
C VAL A 121 14.53 -10.94 -8.43
N SER A 122 15.47 -11.47 -7.67
CA SER A 122 15.11 -11.96 -6.34
C SER A 122 16.28 -11.92 -5.39
N THR A 123 15.97 -11.85 -4.09
CA THR A 123 16.97 -11.93 -3.01
C THR A 123 16.28 -12.40 -1.70
N GLY A 124 16.92 -12.21 -0.54
CA GLY A 124 16.33 -12.69 0.72
C GLY A 124 17.25 -12.74 1.92
N SER A 125 16.65 -12.77 3.11
CA SER A 125 17.39 -12.91 4.36
C SER A 125 17.26 -14.30 4.92
N ILE A 126 18.32 -14.76 5.55
CA ILE A 126 18.35 -16.07 6.16
C ILE A 126 18.76 -15.88 7.60
N PHE A 127 18.21 -16.71 8.47
CA PHE A 127 18.54 -16.63 9.88
C PHE A 127 18.38 -18.00 10.55
N GLY A 128 19.15 -18.22 11.59
CA GLY A 128 19.01 -19.39 12.44
C GLY A 128 19.20 -18.95 13.88
N ILE A 129 18.54 -19.64 14.80
CA ILE A 129 18.58 -19.28 16.21
C ILE A 129 19.05 -20.44 17.11
N TYR A 130 20.05 -20.15 17.94
CA TYR A 130 20.64 -21.15 18.83
C TYR A 130 20.40 -20.83 20.32
N LYS A 131 20.99 -21.68 21.15
CA LYS A 131 20.80 -21.72 22.59
C LYS A 131 22.17 -21.86 23.29
N PRO A 132 22.82 -20.72 23.60
CA PRO A 132 24.24 -20.72 24.04
C PRO A 132 24.53 -21.30 25.42
N ASN A 133 25.82 -21.36 25.74
CA ASN A 133 26.33 -21.49 27.11
C ASN A 133 27.03 -20.21 27.57
N GLU A 134 27.99 -19.75 26.78
CA GLU A 134 28.90 -18.70 27.26
C GLU A 134 28.25 -17.30 27.18
N GLU A 135 28.66 -16.39 28.07
CA GLU A 135 28.38 -14.95 27.94
C GLU A 135 29.43 -14.38 26.98
N CYS A 136 29.26 -14.84 25.75
CA CYS A 136 30.20 -14.63 24.68
C CYS A 136 30.22 -13.23 24.09
N LEU A 137 29.07 -12.59 24.19
CA LEU A 137 29.03 -11.16 24.28
C LEU A 137 29.56 -10.50 23.01
N THR A 145 30.86 -3.10 15.34
CA THR A 145 31.74 -4.15 14.81
C THR A 145 32.20 -5.13 15.88
N ILE A 146 32.61 -6.32 15.44
CA ILE A 146 33.01 -7.43 16.31
C ILE A 146 34.45 -7.87 16.01
N ASP A 147 35.36 -7.55 16.94
CA ASP A 147 36.81 -7.84 16.78
C ASP A 147 37.08 -9.33 16.84
N GLU A 148 38.21 -9.79 16.30
CA GLU A 148 38.44 -11.23 16.10
C GLU A 148 37.98 -12.07 17.29
N VAL A 149 38.79 -12.23 18.33
CA VAL A 149 38.43 -13.08 19.48
C VAL A 149 36.93 -13.04 19.77
N ALA A 150 36.43 -11.89 20.25
CA ALA A 150 35.02 -11.54 20.24
C ALA A 150 34.16 -12.46 19.35
N GLN A 151 34.48 -12.53 18.05
CA GLN A 151 33.82 -13.47 17.11
C GLN A 151 34.03 -14.89 17.57
N ASN A 152 35.19 -15.47 17.27
CA ASN A 152 35.43 -16.90 17.43
C ASN A 152 34.57 -17.53 18.48
N CYS A 153 34.50 -16.90 19.64
CA CYS A 153 33.52 -17.27 20.62
C CYS A 153 32.22 -17.77 19.95
N VAL A 154 31.65 -16.95 19.07
CA VAL A 154 30.39 -17.23 18.36
C VAL A 154 30.41 -18.59 17.72
N VAL A 155 31.44 -18.83 16.92
CA VAL A 155 31.65 -20.12 16.26
C VAL A 155 31.44 -21.25 17.28
N ASN A 156 32.11 -21.13 18.42
CA ASN A 156 32.04 -22.10 19.52
C ASN A 156 30.70 -22.19 20.24
N VAL A 157 29.90 -21.12 20.17
CA VAL A 157 28.61 -21.13 20.87
C VAL A 157 27.49 -21.57 19.91
N CYS A 158 27.57 -21.15 18.66
CA CYS A 158 26.66 -21.62 17.63
C CYS A 158 27.09 -23.03 17.17
N GLN A 159 26.38 -24.05 17.65
CA GLN A 159 26.66 -25.45 17.30
C GLN A 159 25.47 -26.04 16.56
N PRO A 160 25.40 -25.84 15.23
CA PRO A 160 24.25 -26.12 14.34
C PRO A 160 23.65 -27.51 14.40
N GLY A 161 24.45 -28.53 14.71
CA GLY A 161 23.90 -29.89 14.92
C GLY A 161 23.40 -30.15 16.33
N SER A 162 23.22 -29.09 17.13
CA SER A 162 22.97 -29.18 18.57
C SER A 162 21.95 -28.16 19.04
N ASN A 163 22.42 -26.95 19.29
CA ASN A 163 21.64 -25.95 19.95
C ASN A 163 20.75 -25.18 19.00
N LEU A 164 20.81 -25.51 17.71
CA LEU A 164 20.00 -24.82 16.70
C LEU A 164 18.49 -25.09 16.85
N LEU A 165 17.78 -24.06 17.33
CA LEU A 165 16.41 -24.21 17.79
C LEU A 165 15.41 -23.96 16.68
N SER A 166 15.62 -22.86 15.97
CA SER A 166 14.72 -22.46 14.90
C SER A 166 15.52 -21.82 13.78
N ALA A 167 14.92 -21.79 12.60
CA ALA A 167 15.55 -21.17 11.45
C ALA A 167 14.54 -20.89 10.37
N GLY A 168 14.97 -20.08 9.42
CA GLY A 168 14.09 -19.67 8.34
C GLY A 168 14.72 -18.73 7.34
N TYR A 169 13.91 -18.31 6.37
CA TYR A 169 14.33 -17.32 5.40
C TYR A 169 13.13 -16.52 4.94
N CYS A 170 13.40 -15.32 4.42
CA CYS A 170 12.36 -14.55 3.77
C CYS A 170 12.85 -14.28 2.36
N MET A 171 12.03 -14.57 1.38
CA MET A 171 12.39 -14.27 0.00
C MET A 171 11.71 -13.01 -0.45
N TYR A 172 12.45 -12.16 -1.16
CA TYR A 172 11.87 -10.96 -1.74
C TYR A 172 11.90 -11.04 -3.27
N SER A 173 10.75 -11.39 -3.84
CA SER A 173 10.63 -11.54 -5.26
C SER A 173 9.23 -11.13 -5.60
N SER A 174 8.60 -11.79 -6.58
CA SER A 174 7.29 -11.40 -7.11
C SER A 174 6.30 -11.37 -6.00
N SER A 175 6.47 -12.34 -5.11
CA SER A 175 5.73 -12.46 -3.89
C SER A 175 6.79 -12.42 -2.82
N VAL A 176 6.43 -11.94 -1.65
CA VAL A 176 7.28 -12.05 -0.47
C VAL A 176 6.81 -13.18 0.46
N ILE A 177 7.70 -14.11 0.76
CA ILE A 177 7.33 -15.30 1.51
C ILE A 177 8.31 -15.45 2.64
N LEU A 178 7.80 -15.89 3.79
CA LEU A 178 8.62 -16.17 4.94
C LEU A 178 8.48 -17.64 5.25
N VAL A 179 9.61 -18.34 5.27
CA VAL A 179 9.64 -19.80 5.50
C VAL A 179 10.45 -20.13 6.75
N LEU A 180 9.97 -21.09 7.53
CA LEU A 180 10.34 -21.17 8.92
C LEU A 180 10.10 -22.54 9.53
N SER A 181 11.01 -22.94 10.42
CA SER A 181 10.79 -24.11 11.28
C SER A 181 11.35 -23.91 12.68
N VAL A 182 10.60 -24.40 13.66
CA VAL A 182 11.02 -24.35 15.05
C VAL A 182 11.42 -25.73 15.58
N GLY A 183 11.37 -26.73 14.70
CA GLY A 183 11.68 -28.11 15.08
C GLY A 183 10.61 -29.14 14.75
N HIS A 184 9.44 -28.71 14.28
CA HIS A 184 8.32 -29.63 14.04
C HIS A 184 7.68 -29.41 12.70
N GLY A 185 8.50 -29.37 11.66
CA GLY A 185 7.99 -29.17 10.32
C GLY A 185 8.19 -27.74 9.88
N VAL A 186 8.14 -27.55 8.56
CA VAL A 186 8.40 -26.28 7.95
C VAL A 186 7.05 -25.66 7.57
N TYR A 187 6.92 -24.34 7.77
CA TYR A 187 5.70 -23.63 7.42
C TYR A 187 6.02 -22.34 6.64
N GLY A 188 5.15 -22.00 5.69
CA GLY A 188 5.38 -20.87 4.78
C GLY A 188 4.27 -19.85 4.79
N PHE A 189 4.64 -18.59 4.93
CA PHE A 189 3.68 -17.49 5.02
C PHE A 189 3.91 -16.47 3.91
N THR A 190 2.90 -16.21 3.12
CA THR A 190 2.95 -15.19 2.09
C THR A 190 2.62 -13.85 2.76
N LEU A 191 3.28 -12.77 2.38
CA LEU A 191 2.97 -11.44 2.91
C LEU A 191 1.88 -10.77 2.12
N ASP A 192 0.88 -10.29 2.82
CA ASP A 192 -0.29 -9.73 2.22
C ASP A 192 -0.06 -8.22 2.07
N PRO A 193 0.14 -7.70 0.83
CA PRO A 193 0.48 -6.30 0.63
C PRO A 193 -0.55 -5.25 1.05
N LEU A 194 -1.80 -5.42 0.63
CA LEU A 194 -2.93 -4.62 1.11
C LEU A 194 -2.87 -4.32 2.61
N TYR A 195 -2.94 -5.38 3.43
CA TYR A 195 -3.04 -5.24 4.88
C TYR A 195 -1.73 -5.39 5.66
N GLY A 196 -0.63 -5.63 4.97
CA GLY A 196 0.65 -5.79 5.63
C GLY A 196 0.67 -6.85 6.73
N GLU A 197 0.17 -8.05 6.42
CA GLU A 197 0.21 -9.18 7.34
C GLU A 197 0.66 -10.47 6.64
N PHE A 198 1.48 -11.26 7.34
CA PHE A 198 1.88 -12.56 6.83
C PHE A 198 0.76 -13.56 7.06
N VAL A 199 0.35 -14.26 6.01
CA VAL A 199 -0.69 -15.28 6.11
C VAL A 199 -0.14 -16.68 5.81
N LEU A 200 -0.36 -17.61 6.73
CA LEU A 200 0.08 -18.99 6.55
C LEU A 200 -0.45 -19.49 5.22
N SER A 201 0.46 -19.85 4.32
CA SER A 201 0.07 -20.31 2.98
C SER A 201 0.61 -21.68 2.60
N HIS A 202 1.48 -22.25 3.45
CA HIS A 202 2.01 -23.59 3.25
C HIS A 202 2.16 -24.33 4.58
N GLU A 203 1.29 -25.32 4.79
CA GLU A 203 1.31 -26.18 5.99
C GLU A 203 2.35 -27.27 5.85
N GLU A 204 3.05 -27.60 6.93
CA GLU A 204 4.06 -28.67 6.95
C GLU A 204 4.50 -29.07 5.57
N ILE A 205 5.51 -28.38 5.06
CA ILE A 205 5.86 -28.53 3.66
C ILE A 205 6.83 -29.69 3.51
N LYS A 206 6.60 -30.49 2.48
CA LYS A 206 7.37 -31.71 2.24
C LYS A 206 8.03 -31.69 0.87
N ILE A 207 9.33 -31.96 0.86
CA ILE A 207 10.16 -31.86 -0.34
C ILE A 207 10.07 -33.17 -1.08
N PRO A 208 9.61 -33.11 -2.34
CA PRO A 208 9.57 -34.32 -3.13
C PRO A 208 10.85 -35.13 -2.92
N LYS A 209 10.68 -36.41 -2.63
CA LYS A 209 11.82 -37.31 -2.46
C LYS A 209 12.66 -37.38 -3.72
N SER A 210 12.00 -37.15 -4.86
CA SER A 210 12.66 -37.00 -6.15
C SER A 210 12.18 -35.73 -6.83
N GLY A 211 13.02 -35.20 -7.70
CA GLY A 211 12.63 -34.15 -8.64
C GLY A 211 13.62 -34.10 -9.78
N LYS A 212 13.14 -33.83 -10.99
CA LYS A 212 14.02 -33.82 -12.16
C LYS A 212 14.47 -32.41 -12.57
N ILE A 213 15.04 -31.70 -11.60
CA ILE A 213 15.54 -30.34 -11.80
C ILE A 213 16.89 -30.18 -11.11
N TYR A 214 17.79 -29.42 -11.72
CA TYR A 214 19.11 -29.22 -11.16
C TYR A 214 19.57 -27.77 -11.29
N SER A 215 20.12 -27.25 -10.19
CA SER A 215 20.54 -25.86 -10.12
C SER A 215 22.01 -25.73 -9.91
N PHE A 216 22.75 -25.45 -10.96
CA PHE A 216 24.18 -25.33 -10.87
C PHE A 216 24.59 -24.21 -11.80
N ASN A 217 25.71 -23.54 -11.46
CA ASN A 217 26.34 -22.63 -12.43
C ASN A 217 27.18 -23.41 -13.42
N GLU A 218 26.60 -23.78 -14.57
CA GLU A 218 27.32 -24.67 -15.50
C GLU A 218 28.41 -23.97 -16.29
N GLY A 219 28.53 -22.66 -16.15
CA GLY A 219 29.63 -21.93 -16.75
C GLY A 219 30.94 -22.35 -16.13
N ASN A 220 30.88 -22.85 -14.89
CA ASN A 220 32.02 -23.48 -14.22
C ASN A 220 32.20 -24.97 -14.49
N TYR A 221 31.65 -25.45 -15.59
CA TYR A 221 31.69 -26.86 -15.89
C TYR A 221 33.13 -27.38 -16.03
N ALA A 222 34.00 -26.53 -16.56
CA ALA A 222 35.37 -26.92 -16.82
C ALA A 222 36.28 -26.73 -15.64
N LEU A 223 35.78 -26.16 -14.56
CA LEU A 223 36.55 -26.01 -13.33
C LEU A 223 36.21 -27.12 -12.34
N TRP A 224 35.37 -28.06 -12.76
CA TRP A 224 34.93 -29.12 -11.85
C TRP A 224 35.75 -30.40 -11.93
N ASP A 225 35.47 -31.28 -10.99
CA ASP A 225 36.05 -32.63 -10.93
C ASP A 225 35.40 -33.52 -11.97
N ASP A 226 36.11 -34.56 -12.41
CA ASP A 226 35.55 -35.51 -13.38
C ASP A 226 34.39 -36.23 -12.72
N LYS A 227 34.59 -36.63 -11.48
CA LYS A 227 33.52 -37.22 -10.67
C LYS A 227 32.22 -36.44 -10.83
N LEU A 228 32.32 -35.12 -10.76
CA LEU A 228 31.17 -34.23 -10.79
C LEU A 228 30.66 -34.01 -12.21
N LYS A 229 31.57 -33.93 -13.18
CA LYS A 229 31.13 -33.73 -14.56
C LYS A 229 30.29 -34.92 -15.02
N LYS A 230 30.70 -36.11 -14.61
CA LYS A 230 29.92 -37.32 -14.85
C LYS A 230 28.53 -37.24 -14.22
N TYR A 231 28.42 -36.74 -12.99
CA TYR A 231 27.10 -36.51 -12.38
C TYR A 231 26.26 -35.63 -13.30
N VAL A 232 26.78 -34.44 -13.59
CA VAL A 232 26.08 -33.41 -14.36
C VAL A 232 25.72 -33.88 -15.77
N ASP A 233 26.58 -34.70 -16.37
CA ASP A 233 26.30 -35.24 -17.69
C ASP A 233 25.27 -36.37 -17.66
N SER A 234 25.40 -37.24 -16.66
CA SER A 234 24.36 -38.23 -16.33
C SER A 234 22.95 -37.64 -16.40
N LEU A 235 22.82 -36.36 -16.04
CA LEU A 235 21.51 -35.72 -15.94
C LEU A 235 20.90 -35.37 -17.31
N LYS A 236 21.75 -35.15 -18.32
CA LYS A 236 21.32 -34.60 -19.60
C LYS A 236 20.82 -35.61 -20.61
N ASP A 237 21.15 -36.89 -20.41
CA ASP A 237 20.66 -37.92 -21.31
C ASP A 237 19.23 -38.22 -20.92
N PRO A 238 18.36 -38.50 -21.91
CA PRO A 238 16.91 -38.45 -21.64
C PRO A 238 16.25 -39.67 -20.99
N GLY A 239 15.43 -39.39 -19.98
CA GLY A 239 14.35 -40.27 -19.58
C GLY A 239 14.58 -41.29 -18.46
N PRO A 240 14.51 -42.60 -18.79
CA PRO A 240 14.16 -43.15 -20.11
C PRO A 240 12.86 -42.60 -20.74
N SER A 241 12.01 -41.93 -19.96
CA SER A 241 10.85 -41.15 -20.46
C SER A 241 11.08 -40.23 -21.70
N GLY A 242 12.27 -40.24 -22.31
CA GLY A 242 12.65 -39.26 -23.34
C GLY A 242 12.73 -37.85 -22.80
N LYS A 243 12.53 -37.72 -21.48
CA LYS A 243 12.47 -36.44 -20.77
C LYS A 243 13.73 -36.30 -19.95
N PRO A 244 14.63 -35.40 -20.39
CA PRO A 244 15.82 -35.04 -19.62
C PRO A 244 15.48 -34.34 -18.31
N TYR A 245 16.51 -33.88 -17.59
CA TYR A 245 16.31 -33.03 -16.43
C TYR A 245 16.06 -31.61 -16.91
N SER A 246 15.64 -30.76 -15.99
CA SER A 246 15.51 -29.33 -16.26
C SER A 246 16.58 -28.60 -15.48
N ALA A 247 17.19 -27.61 -16.11
CA ALA A 247 18.14 -26.77 -15.39
C ALA A 247 17.49 -25.41 -15.13
N ARG A 248 17.49 -24.94 -13.89
CA ARG A 248 17.08 -23.57 -13.58
C ARG A 248 18.07 -23.00 -12.59
N TYR A 249 18.67 -21.85 -12.90
CA TYR A 249 19.68 -21.26 -12.04
C TYR A 249 19.54 -19.75 -12.00
N ILE A 250 18.80 -19.27 -11.01
CA ILE A 250 18.56 -17.86 -10.82
C ILE A 250 19.86 -17.14 -10.48
N GLY A 251 20.71 -17.85 -9.72
CA GLY A 251 21.91 -17.26 -9.14
C GLY A 251 21.64 -16.62 -7.76
N SER A 252 20.39 -16.69 -7.28
CA SER A 252 19.98 -16.19 -5.96
C SER A 252 19.83 -17.37 -5.03
N LEU A 253 20.53 -17.36 -3.92
CA LEU A 253 20.53 -18.53 -3.09
C LEU A 253 19.15 -18.87 -2.53
N VAL A 254 18.49 -17.84 -2.01
CA VAL A 254 17.19 -18.03 -1.36
C VAL A 254 16.16 -18.43 -2.39
N GLY A 255 16.19 -17.74 -3.53
CA GLY A 255 15.35 -18.09 -4.68
C GLY A 255 15.54 -19.53 -5.13
N ASP A 256 16.74 -19.90 -5.57
CA ASP A 256 16.97 -21.26 -6.02
C ASP A 256 16.59 -22.28 -4.96
N PHE A 257 16.88 -22.00 -3.68
CA PHE A 257 16.52 -22.93 -2.58
C PHE A 257 15.00 -23.03 -2.34
N HIS A 258 14.31 -21.91 -2.50
CA HIS A 258 12.89 -21.89 -2.35
C HIS A 258 12.21 -22.76 -3.40
N ARG A 259 12.64 -22.65 -4.65
CA ARG A 259 11.98 -23.38 -5.73
C ARG A 259 12.17 -24.86 -5.51
N THR A 260 13.39 -25.22 -5.12
CA THR A 260 13.74 -26.57 -4.73
C THR A 260 12.83 -27.01 -3.57
N MET A 261 12.68 -26.14 -2.57
CA MET A 261 11.79 -26.41 -1.45
C MET A 261 10.43 -26.94 -1.89
N LEU A 262 9.81 -26.22 -2.81
CA LEU A 262 8.43 -26.50 -3.22
C LEU A 262 8.35 -27.60 -4.26
N TYR A 263 9.24 -27.56 -5.24
CA TYR A 263 9.15 -28.41 -6.41
C TYR A 263 10.17 -29.53 -6.48
N GLY A 264 11.05 -29.61 -5.49
CA GLY A 264 12.05 -30.67 -5.42
C GLY A 264 13.17 -30.54 -6.44
N GLY A 265 14.15 -31.44 -6.33
CA GLY A 265 15.32 -31.47 -7.22
C GLY A 265 16.56 -31.29 -6.37
N ILE A 266 17.62 -30.77 -6.98
CA ILE A 266 18.84 -30.53 -6.26
C ILE A 266 19.44 -29.14 -6.53
N TYR A 267 19.86 -28.48 -5.46
CA TYR A 267 20.61 -27.23 -5.59
C TYR A 267 22.02 -27.50 -5.22
N GLY A 268 22.96 -26.83 -5.90
CA GLY A 268 24.37 -27.13 -5.69
C GLY A 268 25.31 -25.95 -5.88
N TYR A 269 26.08 -25.65 -4.84
CA TYR A 269 27.31 -24.86 -5.04
C TYR A 269 28.51 -25.73 -4.70
N PRO A 270 29.16 -26.28 -5.75
CA PRO A 270 30.28 -27.19 -5.61
C PRO A 270 31.61 -26.45 -5.49
N ARG A 271 32.62 -27.17 -5.02
CA ARG A 271 33.98 -26.65 -5.03
C ARG A 271 34.53 -26.83 -6.43
N ASP A 272 35.56 -26.08 -6.76
CA ASP A 272 36.15 -26.14 -8.09
C ASP A 272 37.59 -25.63 -8.06
N SER A 273 38.24 -25.68 -9.23
CA SER A 273 39.59 -25.11 -9.44
C SER A 273 39.90 -23.94 -8.54
N LYS A 274 39.17 -22.85 -8.75
CA LYS A 274 39.45 -21.60 -8.08
C LYS A 274 39.00 -21.58 -6.63
N SER A 275 37.95 -22.35 -6.31
CA SER A 275 37.37 -22.33 -4.96
C SER A 275 37.51 -23.67 -4.29
N LYS A 276 38.58 -23.82 -3.50
CA LYS A 276 38.95 -25.14 -2.99
C LYS A 276 37.88 -25.76 -2.08
N ASN A 277 37.16 -24.92 -1.34
CA ASN A 277 36.18 -25.41 -0.37
C ASN A 277 34.77 -24.86 -0.53
N GLY A 278 34.36 -24.71 -1.79
CA GLY A 278 33.03 -24.22 -2.10
C GLY A 278 33.03 -22.71 -2.08
N LYS A 279 31.84 -22.14 -1.96
CA LYS A 279 31.73 -20.70 -1.90
C LYS A 279 30.74 -20.24 -0.83
N LEU A 280 29.78 -21.08 -0.47
CA LEU A 280 28.80 -20.70 0.53
C LEU A 280 29.34 -20.95 1.92
N ARG A 281 28.85 -20.19 2.89
CA ARG A 281 29.41 -20.21 4.23
C ARG A 281 28.59 -21.11 5.13
N LEU A 282 29.29 -21.94 5.89
CA LEU A 282 28.68 -22.99 6.68
C LEU A 282 27.61 -22.42 7.61
N LEU A 283 28.01 -21.52 8.51
CA LEU A 283 27.14 -21.12 9.62
C LEU A 283 25.98 -20.21 9.25
N TYR A 284 26.22 -19.33 8.29
CA TYR A 284 25.29 -18.26 7.94
C TYR A 284 24.30 -18.73 6.91
N GLU A 285 24.82 -19.48 5.92
CA GLU A 285 24.08 -19.87 4.73
C GLU A 285 23.65 -21.33 4.76
N CYS A 286 24.64 -22.22 4.87
CA CYS A 286 24.42 -23.65 4.66
C CYS A 286 23.72 -24.34 5.82
N ALA A 287 24.17 -24.09 7.03
CA ALA A 287 23.60 -24.75 8.21
C ALA A 287 22.10 -24.44 8.43
N PRO A 288 21.68 -23.19 8.21
CA PRO A 288 20.25 -22.90 8.30
C PRO A 288 19.39 -23.57 7.23
N MET A 289 19.88 -23.60 6.00
CA MET A 289 19.06 -24.08 4.90
C MET A 289 18.87 -25.56 5.05
N SER A 290 19.97 -26.23 5.38
CA SER A 290 19.96 -27.66 5.48
C SER A 290 19.00 -28.08 6.56
N TYR A 291 19.20 -27.54 7.76
CA TYR A 291 18.32 -27.81 8.87
C TYR A 291 16.86 -27.72 8.45
N LEU A 292 16.55 -26.72 7.62
CA LEU A 292 15.20 -26.52 7.09
C LEU A 292 14.83 -27.62 6.11
N ALA A 293 15.81 -28.04 5.34
CA ALA A 293 15.55 -29.02 4.29
C ALA A 293 15.37 -30.40 4.88
N GLU A 294 16.10 -30.66 5.96
CA GLU A 294 15.92 -31.89 6.71
C GLU A 294 14.53 -31.89 7.34
N GLN A 295 14.14 -30.75 7.92
CA GLN A 295 12.80 -30.62 8.53
C GLN A 295 11.63 -30.82 7.56
N ALA A 296 11.92 -30.72 6.27
CA ALA A 296 10.90 -30.84 5.24
C ALA A 296 10.99 -32.16 4.46
N GLY A 297 11.91 -33.05 4.82
CA GLY A 297 11.99 -34.37 4.19
C GLY A 297 13.00 -34.47 3.07
N GLY A 298 14.08 -33.74 3.21
CA GLY A 298 15.13 -33.69 2.19
C GLY A 298 16.45 -33.91 2.86
N LYS A 299 17.53 -33.70 2.12
CA LYS A 299 18.88 -33.88 2.64
C LYS A 299 19.72 -32.69 2.30
N GLY A 300 20.62 -32.33 3.21
CA GLY A 300 21.56 -31.24 2.99
C GLY A 300 22.93 -31.81 3.23
N SER A 301 23.82 -31.67 2.24
CA SER A 301 25.12 -32.37 2.20
C SER A 301 26.32 -31.52 1.74
N ASP A 302 27.52 -32.09 1.82
CA ASP A 302 28.74 -31.48 1.27
C ASP A 302 29.37 -32.37 0.19
N GLY A 303 28.61 -33.40 -0.23
CA GLY A 303 29.06 -34.43 -1.17
C GLY A 303 29.38 -35.77 -0.51
N HIS A 304 29.66 -35.73 0.79
CA HIS A 304 30.18 -36.88 1.50
C HIS A 304 29.49 -37.13 2.83
N GLN A 305 29.22 -36.05 3.58
CA GLN A 305 28.57 -36.15 4.89
C GLN A 305 27.58 -35.03 5.06
N ARG A 306 26.47 -35.32 5.75
CA ARG A 306 25.41 -34.34 6.04
C ARG A 306 26.02 -33.07 6.64
N ILE A 307 25.44 -31.94 6.30
CA ILE A 307 26.13 -30.69 6.50
C ILE A 307 26.02 -30.21 7.95
N LEU A 308 25.03 -30.72 8.67
CA LEU A 308 24.82 -30.36 10.07
C LEU A 308 25.70 -31.14 11.03
N ASP A 309 25.90 -32.42 10.73
CA ASP A 309 26.95 -33.22 11.33
C ASP A 309 28.21 -32.42 11.57
N ILE A 310 28.44 -31.44 10.72
CA ILE A 310 29.67 -30.69 10.72
C ILE A 310 29.65 -29.59 11.76
N GLN A 311 30.80 -29.46 12.41
CA GLN A 311 31.01 -28.53 13.50
C GLN A 311 31.92 -27.44 12.92
N PRO A 312 31.47 -26.17 12.98
CA PRO A 312 32.33 -25.10 12.50
C PRO A 312 33.56 -24.90 13.37
N GLU A 313 34.73 -25.09 12.79
CA GLU A 313 35.97 -24.87 13.50
C GLU A 313 36.42 -23.46 13.12
N GLN A 314 36.50 -23.19 11.81
CA GLN A 314 36.94 -21.89 11.31
C GLN A 314 35.82 -20.85 11.49
N VAL A 315 35.99 -19.69 10.86
CA VAL A 315 35.30 -18.46 11.25
C VAL A 315 34.31 -18.01 10.15
N HIS A 316 34.82 -17.68 8.97
CA HIS A 316 34.00 -17.38 7.80
C HIS A 316 34.16 -18.57 6.88
N GLN A 317 33.79 -19.72 7.43
CA GLN A 317 34.16 -21.02 6.90
C GLN A 317 33.25 -21.40 5.74
N ARG A 318 33.87 -21.84 4.65
CA ARG A 318 33.16 -22.19 3.43
C ARG A 318 32.97 -23.69 3.31
N VAL A 319 32.15 -24.07 2.34
CA VAL A 319 31.77 -25.47 2.17
C VAL A 319 31.03 -25.65 0.82
N PRO A 320 31.13 -26.84 0.19
CA PRO A 320 30.20 -27.17 -0.87
C PRO A 320 28.80 -27.46 -0.33
N LEU A 321 27.77 -27.05 -1.06
CA LEU A 321 26.41 -27.34 -0.65
C LEU A 321 25.72 -28.13 -1.73
N TYR A 322 25.10 -29.23 -1.33
CA TYR A 322 24.24 -30.00 -2.20
C TYR A 322 22.99 -30.29 -1.39
N VAL A 323 21.86 -29.81 -1.86
CA VAL A 323 20.70 -29.80 -1.01
C VAL A 323 19.43 -29.93 -1.83
N GLY A 324 18.45 -30.67 -1.32
CA GLY A 324 17.21 -30.84 -2.05
C GLY A 324 16.50 -32.13 -1.76
N SER A 325 15.77 -32.63 -2.76
CA SER A 325 15.09 -33.92 -2.66
C SER A 325 16.04 -34.95 -2.09
N THR A 326 15.50 -35.90 -1.33
CA THR A 326 16.35 -36.84 -0.57
C THR A 326 17.09 -37.82 -1.47
N GLU A 327 16.43 -38.27 -2.54
CA GLU A 327 17.03 -39.22 -3.47
C GLU A 327 18.11 -38.60 -4.34
N GLU A 328 17.92 -37.32 -4.69
CA GLU A 328 18.77 -36.65 -5.68
C GLU A 328 20.15 -36.35 -5.11
N VAL A 329 20.18 -36.08 -3.80
CA VAL A 329 21.42 -35.82 -3.09
C VAL A 329 22.21 -37.12 -2.86
N GLU A 330 21.49 -38.21 -2.57
CA GLU A 330 22.14 -39.51 -2.39
C GLU A 330 22.84 -39.89 -3.68
N LYS A 331 22.07 -39.77 -4.76
CA LYS A 331 22.56 -40.00 -6.12
C LYS A 331 23.82 -39.21 -6.45
N LEU A 332 23.95 -38.03 -5.87
CA LEU A 332 25.17 -37.25 -6.05
C LEU A 332 26.30 -37.79 -5.18
N GLU A 333 26.06 -37.85 -3.88
CA GLU A 333 27.02 -38.36 -2.91
C GLU A 333 27.74 -39.61 -3.39
N LYS A 334 26.99 -40.40 -4.14
CA LYS A 334 27.49 -41.61 -4.77
C LYS A 334 28.54 -41.36 -5.85
N PHE A 335 28.28 -40.42 -6.77
CA PHE A 335 29.22 -40.10 -7.86
C PHE A 335 30.50 -39.46 -7.34
N LEU A 336 30.41 -38.79 -6.20
CA LEU A 336 31.57 -38.16 -5.63
C LEU A 336 32.36 -39.12 -4.78
N ALA A 337 31.67 -40.16 -4.28
CA ALA A 337 32.30 -41.24 -3.51
C ALA A 337 33.73 -41.53 -4.02
N ILE B 1 12.70 14.08 -9.91
CA ILE B 1 11.73 12.94 -10.04
C ILE B 1 10.86 13.10 -11.28
N THR B 2 11.03 12.22 -12.24
CA THR B 2 10.14 12.23 -13.38
C THR B 2 9.27 10.99 -13.37
N THR B 3 7.95 11.16 -13.33
CA THR B 3 7.06 10.01 -13.36
C THR B 3 6.86 9.56 -14.78
N PHE B 4 6.28 8.38 -14.90
CA PHE B 4 5.87 7.86 -16.19
C PHE B 4 4.88 8.81 -16.85
N THR B 5 3.99 9.39 -16.05
CA THR B 5 3.01 10.31 -16.55
C THR B 5 3.70 11.49 -17.19
N THR B 6 4.44 12.24 -16.38
CA THR B 6 5.23 13.40 -16.81
C THR B 6 5.95 13.11 -18.11
N TRP B 7 6.74 12.05 -18.08
CA TRP B 7 7.55 11.68 -19.21
C TRP B 7 6.70 11.40 -20.45
N LEU B 8 5.66 10.59 -20.31
CA LEU B 8 4.67 10.36 -21.40
C LEU B 8 4.21 11.67 -22.06
N LEU B 9 3.60 12.53 -21.26
CA LEU B 9 3.20 13.82 -21.74
C LEU B 9 4.32 14.52 -22.49
N LYS B 10 5.51 14.56 -21.91
CA LYS B 10 6.62 15.25 -22.55
C LYS B 10 7.03 14.63 -23.89
N GLN B 11 6.70 13.37 -24.07
CA GLN B 11 6.85 12.72 -25.38
C GLN B 11 5.83 13.29 -26.35
N GLU B 12 4.57 13.32 -25.92
CA GLU B 12 3.54 13.96 -26.73
C GLU B 12 3.85 15.44 -26.94
N GLN B 13 4.56 16.02 -25.98
CA GLN B 13 5.00 17.41 -26.04
C GLN B 13 5.92 17.59 -27.23
N ALA B 14 6.98 16.82 -27.28
CA ALA B 14 7.85 16.82 -28.46
C ALA B 14 7.20 16.09 -29.64
N GLY B 15 5.86 16.01 -29.63
CA GLY B 15 5.07 15.40 -30.71
C GLY B 15 5.54 14.06 -31.24
N VAL B 16 6.24 13.33 -30.37
CA VAL B 16 6.71 11.99 -30.69
C VAL B 16 5.50 11.05 -30.73
N ILE B 17 4.49 11.37 -29.94
CA ILE B 17 3.26 10.63 -29.92
C ILE B 17 2.08 11.59 -29.94
N ASP B 18 0.89 11.05 -30.22
CA ASP B 18 -0.32 11.82 -30.12
C ASP B 18 -1.01 11.52 -28.80
N GLY B 19 -1.97 12.38 -28.45
CA GLY B 19 -2.78 12.18 -27.24
C GLY B 19 -3.42 10.82 -27.22
N GLU B 20 -4.08 10.49 -28.33
CA GLU B 20 -4.86 9.27 -28.38
C GLU B 20 -4.04 8.05 -27.97
N LEU B 21 -2.74 8.13 -28.22
CA LEU B 21 -1.77 7.09 -27.83
C LEU B 21 -1.25 7.26 -26.41
N THR B 22 -0.99 8.50 -26.02
CA THR B 22 -0.58 8.79 -24.63
C THR B 22 -1.61 8.16 -23.70
N ILE B 23 -2.86 8.07 -24.16
CA ILE B 23 -3.92 7.43 -23.37
C ILE B 23 -3.77 5.92 -23.32
N VAL B 24 -3.51 5.32 -24.46
CA VAL B 24 -3.35 3.89 -24.50
C VAL B 24 -2.25 3.42 -23.54
N LEU B 25 -1.08 4.07 -23.64
CA LEU B 25 0.09 3.74 -22.84
C LEU B 25 -0.10 3.97 -21.36
N SER B 26 -0.74 5.08 -21.05
CA SER B 26 -1.10 5.38 -19.68
C SER B 26 -2.07 4.34 -19.10
N SER B 27 -3.07 3.97 -19.90
CA SER B 27 -4.02 2.92 -19.53
C SER B 27 -3.30 1.59 -19.24
N ILE B 28 -2.35 1.26 -20.08
CA ILE B 28 -1.59 0.03 -19.94
C ILE B 28 -0.78 -0.03 -18.66
N SER B 29 -0.10 1.07 -18.32
CA SER B 29 0.65 1.12 -17.08
C SER B 29 -0.24 0.78 -15.87
N LEU B 30 -1.43 1.36 -15.80
CA LEU B 30 -2.32 1.03 -14.70
C LEU B 30 -2.55 -0.47 -14.64
N ALA B 31 -3.00 -1.04 -15.75
CA ALA B 31 -3.28 -2.47 -15.82
C ALA B 31 -2.12 -3.26 -15.25
N CYS B 32 -0.90 -2.77 -15.47
CA CYS B 32 0.27 -3.42 -14.94
C CYS B 32 0.36 -3.34 -13.44
N LYS B 33 0.13 -2.15 -12.90
CA LYS B 33 0.04 -1.97 -11.45
C LYS B 33 -0.89 -2.98 -10.84
N GLN B 34 -2.01 -3.20 -11.50
CA GLN B 34 -3.05 -4.07 -10.96
C GLN B 34 -2.65 -5.55 -10.99
N ILE B 35 -1.96 -5.92 -12.06
CA ILE B 35 -1.51 -7.28 -12.21
C ILE B 35 -0.36 -7.56 -11.24
N ALA B 36 0.43 -6.54 -10.91
CA ALA B 36 1.48 -6.70 -9.95
C ALA B 36 0.91 -7.14 -8.62
N SER B 37 -0.16 -6.48 -8.18
CA SER B 37 -0.85 -6.90 -6.97
C SER B 37 -1.24 -8.37 -7.05
N LEU B 38 -2.06 -8.70 -8.02
CA LEU B 38 -2.45 -10.07 -8.24
C LEU B 38 -1.32 -11.00 -7.91
N VAL B 39 -0.17 -10.70 -8.47
CA VAL B 39 0.98 -11.58 -8.36
C VAL B 39 1.54 -11.58 -6.96
N GLN B 40 1.41 -10.49 -6.23
CA GLN B 40 1.92 -10.45 -4.85
C GLN B 40 0.95 -11.10 -3.88
N ARG B 41 -0.30 -10.63 -3.93
CA ARG B 41 -1.47 -11.30 -3.34
C ARG B 41 -1.64 -12.66 -4.04
N ALA B 42 -0.54 -13.38 -4.25
CA ALA B 42 -0.55 -14.52 -5.17
C ALA B 42 -1.39 -15.66 -4.62
N GLY B 43 -0.93 -16.22 -3.50
CA GLY B 43 -1.59 -17.37 -2.88
C GLY B 43 -2.32 -17.05 -1.59
N ILE B 44 -2.81 -15.81 -1.44
CA ILE B 44 -3.72 -15.43 -0.34
C ILE B 44 -5.19 -15.51 -0.79
N SER B 45 -5.49 -14.96 -1.97
CA SER B 45 -6.82 -15.08 -2.57
C SER B 45 -7.09 -16.51 -3.02
N ASN B 46 -6.05 -17.17 -3.53
CA ASN B 46 -6.13 -18.57 -3.98
C ASN B 46 -6.20 -19.61 -2.83
N LEU B 47 -6.28 -19.15 -1.58
CA LEU B 47 -6.66 -20.02 -0.45
C LEU B 47 -8.18 -20.25 -0.49
N THR B 48 -8.93 -19.31 -1.08
CA THR B 48 -10.38 -19.42 -1.29
C THR B 48 -10.69 -20.31 -2.50
N GLY B 58 0.96 -26.76 -11.54
CA GLY B 58 -0.28 -26.33 -10.90
C GLY B 58 -1.16 -25.48 -11.80
N GLU B 59 -2.11 -24.79 -11.18
CA GLU B 59 -2.93 -23.82 -11.86
C GLU B 59 -3.17 -22.64 -10.94
N ASP B 60 -2.11 -22.12 -10.38
CA ASP B 60 -2.35 -20.89 -9.70
C ASP B 60 -2.02 -19.90 -10.79
N GLN B 61 -0.92 -20.17 -11.49
CA GLN B 61 -0.47 -19.40 -12.63
C GLN B 61 -1.51 -19.28 -13.74
N LYS B 62 -2.14 -20.39 -14.11
CA LYS B 62 -3.10 -20.40 -15.21
C LYS B 62 -4.41 -19.66 -14.94
N LYS B 63 -4.99 -19.88 -13.77
CA LYS B 63 -6.19 -19.15 -13.37
C LYS B 63 -5.92 -17.65 -13.37
N LEU B 64 -4.66 -17.31 -13.15
CA LEU B 64 -4.19 -15.95 -13.06
C LEU B 64 -3.96 -15.29 -14.43
N ASP B 65 -3.50 -16.07 -15.41
CA ASP B 65 -3.40 -15.60 -16.80
C ASP B 65 -4.71 -14.94 -17.19
N VAL B 66 -5.79 -15.63 -16.84
CA VAL B 66 -7.15 -15.27 -17.21
C VAL B 66 -7.50 -13.90 -16.70
N ILE B 67 -7.41 -13.80 -15.38
CA ILE B 67 -7.82 -12.61 -14.64
C ILE B 67 -7.12 -11.39 -15.21
N SER B 68 -5.83 -11.54 -15.47
CA SER B 68 -4.98 -10.45 -15.95
C SER B 68 -5.40 -9.87 -17.29
N ASN B 69 -6.02 -10.70 -18.12
CA ASN B 69 -6.58 -10.20 -19.37
C ASN B 69 -7.87 -9.43 -19.12
N GLU B 70 -8.66 -9.89 -18.15
CA GLU B 70 -9.86 -9.15 -17.74
C GLU B 70 -9.44 -7.75 -17.30
N VAL B 71 -8.34 -7.68 -16.56
CA VAL B 71 -7.80 -6.42 -16.06
C VAL B 71 -7.40 -5.53 -17.23
N PHE B 72 -6.64 -6.10 -18.14
CA PHE B 72 -6.27 -5.38 -19.35
C PHE B 72 -7.50 -4.80 -20.05
N SER B 73 -8.53 -5.64 -20.20
CA SER B 73 -9.73 -5.29 -20.98
C SER B 73 -10.34 -4.00 -20.42
N SER B 74 -10.65 -4.02 -19.13
CA SER B 74 -11.28 -2.87 -18.47
C SER B 74 -10.42 -1.63 -18.58
N CYS B 75 -9.13 -1.78 -18.34
CA CYS B 75 -8.26 -0.64 -18.28
C CYS B 75 -8.18 0.16 -19.58
N LEU B 76 -8.51 -0.46 -20.72
CA LEU B 76 -8.50 0.25 -22.02
C LEU B 76 -9.86 0.37 -22.69
N ARG B 77 -10.90 0.00 -21.95
CA ARG B 77 -12.26 0.09 -22.44
C ARG B 77 -12.50 1.45 -23.11
N SER B 78 -11.97 2.51 -22.50
CA SER B 78 -12.03 3.87 -23.05
C SER B 78 -11.46 3.99 -24.46
N SER B 79 -10.28 3.45 -24.65
CA SER B 79 -9.58 3.60 -25.93
C SER B 79 -10.12 2.65 -27.00
N GLY B 80 -10.40 1.40 -26.64
CA GLY B 80 -10.82 0.43 -27.63
C GLY B 80 -11.59 -0.78 -27.14
N ARG B 81 -11.74 -1.72 -28.08
CA ARG B 81 -12.44 -2.97 -27.88
C ARG B 81 -11.44 -4.09 -27.96
N THR B 82 -11.62 -5.11 -27.11
CA THR B 82 -10.57 -6.07 -26.84
C THR B 82 -11.11 -7.49 -26.68
N GLY B 83 -10.42 -8.44 -27.31
CA GLY B 83 -10.82 -9.85 -27.34
C GLY B 83 -9.63 -10.78 -27.15
N ILE B 84 -9.92 -12.07 -26.95
CA ILE B 84 -8.92 -13.00 -26.48
C ILE B 84 -8.69 -14.17 -27.42
N ILE B 85 -7.49 -14.24 -27.98
CA ILE B 85 -6.99 -15.43 -28.67
C ILE B 85 -6.65 -16.51 -27.63
N ALA B 86 -7.46 -17.57 -27.57
CA ALA B 86 -7.41 -18.55 -26.47
C ALA B 86 -6.08 -19.27 -26.35
N SER B 87 -5.95 -20.07 -25.28
CA SER B 87 -4.77 -20.90 -25.08
C SER B 87 -5.09 -22.19 -25.78
N GLU B 88 -4.55 -22.32 -26.99
CA GLU B 88 -4.82 -23.46 -27.87
C GLU B 88 -4.12 -24.72 -27.30
N GLU B 89 -3.34 -24.51 -26.24
CA GLU B 89 -2.71 -25.58 -25.50
C GLU B 89 -2.12 -25.02 -24.22
N GLU B 90 -0.99 -25.57 -23.78
CA GLU B 90 -0.31 -25.10 -22.57
C GLU B 90 0.40 -23.72 -22.76
N ASP B 91 -0.40 -22.74 -23.13
CA ASP B 91 0.09 -21.39 -23.37
C ASP B 91 -0.66 -20.38 -22.54
N THR B 92 -0.26 -19.13 -22.68
CA THR B 92 -0.99 -18.02 -22.12
C THR B 92 -1.97 -17.57 -23.21
N PRO B 93 -3.22 -17.27 -22.81
CA PRO B 93 -4.13 -16.60 -23.76
C PRO B 93 -3.73 -15.14 -23.92
N VAL B 94 -3.90 -14.59 -25.11
CA VAL B 94 -3.36 -13.27 -25.45
C VAL B 94 -4.46 -12.29 -25.74
N ALA B 95 -4.54 -11.21 -24.96
CA ALA B 95 -5.51 -10.18 -25.27
C ALA B 95 -5.05 -9.25 -26.40
N VAL B 96 -6.03 -8.71 -27.15
CA VAL B 96 -5.79 -7.75 -28.22
C VAL B 96 -6.81 -6.64 -28.14
N GLU B 97 -6.34 -5.40 -28.15
CA GLU B 97 -7.23 -4.25 -28.18
C GLU B 97 -7.16 -3.62 -29.56
N GLU B 98 -8.32 -3.22 -30.08
CA GLU B 98 -8.41 -2.48 -31.34
C GLU B 98 -9.09 -1.16 -31.04
N SER B 99 -8.38 -0.07 -31.31
CA SER B 99 -8.85 1.26 -30.96
C SER B 99 -10.14 1.55 -31.70
N TYR B 100 -11.08 2.22 -31.03
CA TYR B 100 -12.31 2.64 -31.67
C TYR B 100 -11.92 3.54 -32.84
N SER B 101 -11.06 4.50 -32.58
CA SER B 101 -10.46 5.31 -33.67
C SER B 101 -9.94 4.46 -34.85
N GLY B 102 -9.55 3.21 -34.57
CA GLY B 102 -9.05 2.31 -35.60
C GLY B 102 -7.61 2.60 -35.95
N ASN B 103 -7.02 3.58 -35.27
CA ASN B 103 -5.67 4.02 -35.53
C ASN B 103 -4.60 3.09 -35.01
N TYR B 104 -4.91 2.40 -33.91
CA TYR B 104 -3.93 1.61 -33.16
C TYR B 104 -4.44 0.21 -32.87
N ILE B 105 -3.49 -0.72 -32.70
CA ILE B 105 -3.75 -2.08 -32.20
C ILE B 105 -2.68 -2.54 -31.23
N VAL B 106 -3.13 -3.09 -30.10
CA VAL B 106 -2.25 -3.50 -29.01
C VAL B 106 -2.30 -4.98 -28.74
N VAL B 107 -1.14 -5.63 -28.74
CA VAL B 107 -1.08 -7.06 -28.42
C VAL B 107 -0.38 -7.31 -27.09
N PHE B 108 -1.11 -8.00 -26.21
CA PHE B 108 -0.78 -8.05 -24.81
C PHE B 108 -0.65 -9.49 -24.32
N ASP B 109 0.57 -9.93 -24.09
CA ASP B 109 0.82 -11.19 -23.39
C ASP B 109 0.70 -10.82 -21.94
N PRO B 110 -0.29 -11.39 -21.23
CA PRO B 110 -0.48 -10.97 -19.83
C PRO B 110 0.66 -11.42 -18.90
N LEU B 111 1.05 -12.70 -18.93
CA LEU B 111 2.16 -13.19 -18.11
C LEU B 111 3.05 -14.15 -18.91
N ASP B 112 4.36 -13.94 -18.86
CA ASP B 112 5.31 -14.69 -19.69
C ASP B 112 5.04 -16.20 -19.82
N GLY B 113 4.54 -16.85 -18.76
CA GLY B 113 4.40 -18.31 -18.73
C GLY B 113 3.12 -18.79 -18.07
N SER B 114 2.86 -20.09 -18.22
CA SER B 114 1.71 -20.75 -17.57
C SER B 114 2.15 -21.86 -16.60
N SER B 115 3.45 -21.92 -16.30
CA SER B 115 3.99 -22.88 -15.34
C SER B 115 4.14 -22.28 -13.96
N ASN B 116 3.72 -23.03 -12.95
CA ASN B 116 3.91 -22.63 -11.57
C ASN B 116 5.38 -22.44 -11.22
N ILE B 117 6.18 -23.40 -11.65
CA ILE B 117 7.58 -23.43 -11.36
C ILE B 117 8.37 -22.26 -11.97
N ASP B 118 8.10 -21.92 -13.24
CA ASP B 118 8.80 -20.85 -13.96
C ASP B 118 8.48 -19.45 -13.40
N ALA B 119 7.32 -19.34 -12.77
CA ALA B 119 6.91 -18.10 -12.17
C ALA B 119 7.14 -18.03 -10.66
N ALA B 120 7.97 -18.92 -10.12
CA ALA B 120 8.12 -19.08 -8.67
C ALA B 120 8.87 -17.93 -8.00
N VAL B 121 9.57 -17.13 -8.81
CA VAL B 121 10.17 -15.88 -8.32
C VAL B 121 9.94 -14.64 -9.20
N SER B 122 9.66 -14.81 -10.48
CA SER B 122 9.40 -13.66 -11.33
C SER B 122 8.52 -14.01 -12.50
N THR B 123 7.81 -13.00 -13.01
CA THR B 123 7.02 -13.12 -14.25
C THR B 123 6.82 -11.71 -14.91
N GLY B 124 5.87 -11.54 -15.82
CA GLY B 124 5.72 -10.26 -16.47
C GLY B 124 4.83 -10.25 -17.69
N SER B 125 4.36 -9.06 -18.06
CA SER B 125 3.57 -8.86 -19.26
C SER B 125 4.42 -8.23 -20.37
N ILE B 126 4.12 -8.60 -21.60
CA ILE B 126 4.78 -8.03 -22.75
C ILE B 126 3.73 -7.50 -23.68
N PHE B 127 4.04 -6.43 -24.38
CA PHE B 127 3.10 -5.83 -25.30
C PHE B 127 3.83 -5.09 -26.40
N GLY B 128 3.19 -5.02 -27.56
CA GLY B 128 3.67 -4.19 -28.68
C GLY B 128 2.49 -3.55 -29.34
N ILE B 129 2.72 -2.38 -29.91
CA ILE B 129 1.66 -1.61 -30.52
C ILE B 129 1.94 -1.23 -31.98
N TYR B 130 0.98 -1.53 -32.86
CA TYR B 130 1.10 -1.25 -34.30
C TYR B 130 0.12 -0.13 -34.82
N LYS B 131 0.30 0.31 -36.09
CA LYS B 131 -0.64 1.23 -36.83
C LYS B 131 -1.26 0.47 -38.05
N PRO B 132 -2.49 -0.07 -37.90
CA PRO B 132 -3.10 -0.90 -38.95
C PRO B 132 -3.44 -0.21 -40.28
N ASN B 133 -3.96 -1.02 -41.23
CA ASN B 133 -4.70 -0.56 -42.39
C ASN B 133 -6.19 -0.97 -42.29
N GLU B 134 -6.45 -2.19 -41.82
CA GLU B 134 -7.72 -2.88 -42.00
C GLU B 134 -8.30 -3.05 -40.62
N GLU B 135 -9.61 -3.15 -40.56
CA GLU B 135 -10.34 -3.20 -39.31
C GLU B 135 -10.62 -4.69 -38.98
N CYS B 136 -10.08 -5.18 -37.86
CA CYS B 136 -10.15 -6.60 -37.43
C CYS B 136 -11.37 -6.92 -36.54
N LEU B 137 -11.88 -5.93 -35.81
CA LEU B 137 -12.88 -6.13 -34.74
C LEU B 137 -12.28 -6.92 -33.58
N THR B 145 -14.09 -14.11 -27.13
CA THR B 145 -13.17 -14.96 -27.91
C THR B 145 -13.13 -14.51 -29.35
N ILE B 146 -12.07 -14.92 -30.05
CA ILE B 146 -11.80 -14.53 -31.43
C ILE B 146 -11.71 -15.77 -32.34
N ASP B 147 -12.73 -15.96 -33.20
CA ASP B 147 -12.81 -17.13 -34.09
C ASP B 147 -11.76 -17.07 -35.18
N GLU B 148 -11.41 -18.20 -35.79
CA GLU B 148 -10.26 -18.27 -36.69
C GLU B 148 -10.14 -17.03 -37.61
N VAL B 149 -10.81 -17.01 -38.75
CA VAL B 149 -10.67 -15.89 -39.71
C VAL B 149 -10.44 -14.55 -39.00
N ALA B 150 -11.46 -14.07 -38.30
CA ALA B 150 -11.33 -13.03 -37.28
C ALA B 150 -9.87 -12.78 -36.85
N GLN B 151 -9.19 -13.81 -36.34
CA GLN B 151 -7.76 -13.73 -36.01
C GLN B 151 -6.96 -13.37 -37.23
N ASN B 152 -6.68 -14.37 -38.07
CA ASN B 152 -5.73 -14.23 -39.17
C ASN B 152 -5.58 -12.79 -39.65
N CYS B 153 -6.70 -12.11 -39.87
CA CYS B 153 -6.69 -10.67 -40.09
C CYS B 153 -5.55 -10.01 -39.30
N VAL B 154 -5.53 -10.24 -37.99
CA VAL B 154 -4.55 -9.69 -37.07
C VAL B 154 -3.11 -9.91 -37.56
N VAL B 155 -2.78 -11.18 -37.82
CA VAL B 155 -1.47 -11.55 -38.34
C VAL B 155 -1.09 -10.61 -39.48
N ASN B 156 -2.01 -10.46 -40.42
CA ASN B 156 -1.85 -9.56 -41.60
C ASN B 156 -1.78 -8.06 -41.31
N VAL B 157 -2.32 -7.62 -40.18
CA VAL B 157 -2.33 -6.19 -39.86
C VAL B 157 -1.15 -5.84 -38.95
N CYS B 158 -0.81 -6.74 -38.03
CA CYS B 158 0.40 -6.61 -37.23
C CYS B 158 1.63 -7.02 -38.05
N GLN B 159 2.36 -6.03 -38.56
CA GLN B 159 3.55 -6.27 -39.35
C GLN B 159 4.77 -5.70 -38.63
N PRO B 160 5.36 -6.48 -37.71
CA PRO B 160 6.42 -6.09 -36.77
C PRO B 160 7.65 -5.37 -37.31
N GLY B 161 8.06 -5.66 -38.55
CA GLY B 161 9.15 -4.92 -39.19
C GLY B 161 8.72 -3.64 -39.89
N SER B 162 7.50 -3.18 -39.59
CA SER B 162 6.87 -2.09 -40.34
C SER B 162 6.11 -1.15 -39.40
N ASN B 163 4.89 -1.55 -39.07
CA ASN B 163 3.96 -0.68 -38.39
C ASN B 163 4.13 -0.69 -36.88
N LEU B 164 5.09 -1.47 -36.37
CA LEU B 164 5.33 -1.56 -34.91
C LEU B 164 5.88 -0.25 -34.29
N LEU B 165 5.02 0.44 -33.54
CA LEU B 165 5.24 1.82 -33.13
C LEU B 165 5.93 1.91 -31.81
N SER B 166 5.41 1.13 -30.86
CA SER B 166 5.96 1.10 -29.53
C SER B 166 5.89 -0.30 -28.97
N ALA B 167 6.68 -0.57 -27.95
CA ALA B 167 6.64 -1.86 -27.26
C ALA B 167 7.30 -1.78 -25.90
N GLY B 168 7.08 -2.82 -25.11
CA GLY B 168 7.61 -2.84 -23.77
C GLY B 168 7.26 -4.07 -22.99
N TYR B 169 7.69 -4.09 -21.73
CA TYR B 169 7.31 -5.17 -20.83
C TYR B 169 7.28 -4.64 -19.42
N CYS B 170 6.56 -5.34 -18.55
CA CYS B 170 6.58 -5.04 -17.12
C CYS B 170 6.99 -6.29 -16.40
N MET B 171 8.00 -6.20 -15.55
CA MET B 171 8.46 -7.37 -14.80
C MET B 171 7.93 -7.32 -13.40
N TYR B 172 7.46 -8.45 -12.91
CA TYR B 172 7.01 -8.53 -11.55
C TYR B 172 7.92 -9.45 -10.76
N SER B 173 8.82 -8.84 -10.00
CA SER B 173 9.75 -9.58 -9.18
C SER B 173 10.01 -8.77 -7.94
N SER B 174 11.25 -8.78 -7.41
CA SER B 174 11.62 -8.12 -6.13
C SER B 174 11.29 -6.65 -6.20
N SER B 175 11.51 -6.11 -7.40
CA SER B 175 11.11 -4.78 -7.78
C SER B 175 10.18 -4.96 -8.97
N VAL B 176 9.26 -4.04 -9.14
CA VAL B 176 8.45 -3.99 -10.35
C VAL B 176 8.96 -2.89 -11.29
N ILE B 177 9.26 -3.27 -12.53
CA ILE B 177 9.86 -2.35 -13.47
C ILE B 177 9.10 -2.41 -14.76
N LEU B 178 8.96 -1.27 -15.41
CA LEU B 178 8.28 -1.17 -16.68
C LEU B 178 9.28 -0.63 -17.67
N VAL B 179 9.52 -1.38 -18.74
CA VAL B 179 10.52 -1.05 -19.75
C VAL B 179 9.85 -0.89 -21.11
N LEU B 180 10.31 0.10 -21.86
CA LEU B 180 9.50 0.66 -22.91
C LEU B 180 10.29 1.42 -23.95
N SER B 181 9.87 1.30 -25.20
CA SER B 181 10.37 2.19 -26.25
C SER B 181 9.28 2.59 -27.26
N VAL B 182 9.33 3.85 -27.68
CA VAL B 182 8.39 4.37 -28.65
C VAL B 182 9.08 4.61 -29.99
N GLY B 183 10.37 4.28 -30.06
CA GLY B 183 11.12 4.45 -31.29
C GLY B 183 12.40 5.24 -31.13
N HIS B 184 12.66 5.80 -29.95
CA HIS B 184 13.84 6.67 -29.75
C HIS B 184 14.63 6.32 -28.51
N GLY B 185 14.93 5.04 -28.36
CA GLY B 185 15.66 4.57 -27.19
C GLY B 185 14.73 3.92 -26.19
N VAL B 186 15.32 3.11 -25.31
CA VAL B 186 14.59 2.35 -24.33
C VAL B 186 14.69 3.06 -22.97
N TYR B 187 13.58 3.09 -22.23
CA TYR B 187 13.55 3.73 -20.94
C TYR B 187 12.85 2.85 -19.90
N GLY B 188 13.34 2.90 -18.66
CA GLY B 188 12.90 2.02 -17.59
C GLY B 188 12.39 2.76 -16.38
N PHE B 189 11.22 2.37 -15.89
CA PHE B 189 10.59 3.00 -14.75
C PHE B 189 10.32 2.03 -13.62
N THR B 190 10.84 2.31 -12.43
CA THR B 190 10.62 1.45 -11.28
C THR B 190 9.32 1.91 -10.66
N LEU B 191 8.52 0.98 -10.14
CA LEU B 191 7.24 1.35 -9.48
C LEU B 191 7.45 1.63 -8.02
N ASP B 192 6.98 2.77 -7.59
CA ASP B 192 7.21 3.28 -6.25
C ASP B 192 6.04 2.82 -5.36
N PRO B 193 6.29 1.85 -4.42
CA PRO B 193 5.19 1.24 -3.64
C PRO B 193 4.42 2.16 -2.68
N LEU B 194 5.13 2.95 -1.88
CA LEU B 194 4.53 4.04 -1.09
C LEU B 194 3.44 4.81 -1.84
N TYR B 195 3.81 5.50 -2.92
CA TYR B 195 2.91 6.44 -3.62
C TYR B 195 2.26 5.86 -4.87
N GLY B 196 2.56 4.61 -5.20
CA GLY B 196 1.96 3.98 -6.38
C GLY B 196 2.17 4.77 -7.66
N GLU B 197 3.41 5.13 -7.95
CA GLU B 197 3.76 5.82 -9.18
C GLU B 197 5.03 5.22 -9.80
N PHE B 198 5.06 5.13 -11.12
CA PHE B 198 6.25 4.73 -11.82
C PHE B 198 7.21 5.91 -11.92
N VAL B 199 8.47 5.71 -11.53
CA VAL B 199 9.50 6.76 -11.61
C VAL B 199 10.60 6.37 -12.57
N LEU B 200 10.89 7.24 -13.52
CA LEU B 200 11.95 6.98 -14.49
C LEU B 200 13.24 6.67 -13.74
N SER B 201 13.76 5.46 -13.95
CA SER B 201 14.97 5.02 -13.25
C SER B 201 16.11 4.55 -14.19
N HIS B 202 15.84 4.46 -15.48
CA HIS B 202 16.85 4.11 -16.49
C HIS B 202 16.66 4.92 -17.78
N GLU B 203 17.57 5.87 -18.01
CA GLU B 203 17.57 6.72 -19.22
C GLU B 203 18.24 5.99 -20.38
N GLU B 204 17.71 6.15 -21.59
CA GLU B 204 18.23 5.50 -22.80
C GLU B 204 19.20 4.36 -22.51
N ILE B 205 18.65 3.17 -22.36
CA ILE B 205 19.44 2.07 -21.85
C ILE B 205 20.15 1.38 -22.99
N LYS B 206 21.41 1.05 -22.76
CA LYS B 206 22.29 0.49 -23.80
C LYS B 206 22.86 -0.86 -23.41
N ILE B 207 22.71 -1.84 -24.30
CA ILE B 207 23.05 -3.23 -24.02
C ILE B 207 24.52 -3.41 -24.33
N PRO B 208 25.31 -3.83 -23.32
CA PRO B 208 26.71 -4.11 -23.57
C PRO B 208 26.87 -4.87 -24.88
N LYS B 209 27.76 -4.37 -25.73
CA LYS B 209 28.05 -5.01 -27.01
C LYS B 209 28.58 -6.41 -26.80
N SER B 210 29.19 -6.63 -25.65
CA SER B 210 29.60 -7.96 -25.21
C SER B 210 29.13 -8.21 -23.78
N GLY B 211 28.96 -9.48 -23.44
CA GLY B 211 28.75 -9.90 -22.06
C GLY B 211 29.06 -11.37 -21.95
N LYS B 212 29.66 -11.78 -20.84
CA LYS B 212 30.04 -13.18 -20.66
C LYS B 212 29.02 -13.99 -19.84
N ILE B 213 27.76 -13.93 -20.27
CA ILE B 213 26.66 -14.63 -19.61
C ILE B 213 25.78 -15.29 -20.64
N TYR B 214 25.25 -16.46 -20.34
CA TYR B 214 24.42 -17.16 -21.29
C TYR B 214 23.22 -17.78 -20.60
N SER B 215 22.06 -17.64 -21.21
CA SER B 215 20.80 -18.15 -20.66
C SER B 215 20.16 -19.19 -21.54
N PHE B 216 20.31 -20.44 -21.17
CA PHE B 216 19.73 -21.52 -21.93
C PHE B 216 19.24 -22.56 -20.94
N ASN B 217 18.21 -23.31 -21.36
CA ASN B 217 17.86 -24.54 -20.63
C ASN B 217 18.79 -25.67 -21.02
N GLU B 218 19.85 -25.87 -20.26
CA GLU B 218 20.86 -26.87 -20.64
C GLU B 218 20.43 -28.30 -20.37
N GLY B 219 19.28 -28.49 -19.73
CA GLY B 219 18.71 -29.82 -19.55
C GLY B 219 18.31 -30.43 -20.88
N ASN B 220 18.06 -29.56 -21.85
CA ASN B 220 17.84 -29.97 -23.26
C ASN B 220 19.09 -30.09 -24.09
N TYR B 221 20.24 -30.25 -23.46
CA TYR B 221 21.52 -30.24 -24.15
C TYR B 221 21.59 -31.36 -25.19
N ALA B 222 20.95 -32.47 -24.86
CA ALA B 222 21.00 -33.65 -25.67
C ALA B 222 19.93 -33.67 -26.73
N LEU B 223 19.03 -32.69 -26.74
CA LEU B 223 18.02 -32.56 -27.79
C LEU B 223 18.46 -31.55 -28.85
N TRP B 224 19.67 -31.01 -28.72
CA TRP B 224 20.11 -29.97 -29.61
C TRP B 224 20.94 -30.48 -30.80
N ASP B 225 21.19 -29.55 -31.72
CA ASP B 225 22.03 -29.78 -32.89
C ASP B 225 23.49 -29.81 -32.44
N ASP B 226 24.33 -30.49 -33.21
CA ASP B 226 25.76 -30.49 -32.93
C ASP B 226 26.31 -29.09 -33.10
N LYS B 227 25.88 -28.42 -34.17
CA LYS B 227 26.22 -27.02 -34.39
C LYS B 227 26.10 -26.20 -33.09
N LEU B 228 24.99 -26.43 -32.40
CA LEU B 228 24.64 -25.68 -31.20
C LEU B 228 25.36 -26.17 -29.97
N LYS B 229 25.56 -27.47 -29.86
CA LYS B 229 26.31 -28.00 -28.72
C LYS B 229 27.74 -27.44 -28.72
N LYS B 230 28.32 -27.34 -29.91
CA LYS B 230 29.60 -26.73 -30.05
C LYS B 230 29.61 -25.28 -29.58
N TYR B 231 28.58 -24.52 -29.92
CA TYR B 231 28.48 -23.16 -29.42
C TYR B 231 28.56 -23.21 -27.91
N VAL B 232 27.64 -23.96 -27.32
CA VAL B 232 27.45 -23.98 -25.87
C VAL B 232 28.71 -24.47 -25.16
N ASP B 233 29.41 -25.39 -25.79
CA ASP B 233 30.64 -25.92 -25.20
C ASP B 233 31.83 -24.94 -25.33
N SER B 234 31.92 -24.32 -26.51
CA SER B 234 32.79 -23.18 -26.70
C SER B 234 32.77 -22.19 -25.52
N LEU B 235 31.62 -22.05 -24.87
CA LEU B 235 31.44 -21.06 -23.82
C LEU B 235 32.09 -21.47 -22.52
N LYS B 236 32.23 -22.78 -22.30
CA LYS B 236 32.64 -23.30 -20.99
C LYS B 236 34.13 -23.41 -20.76
N ASP B 237 34.94 -23.38 -21.82
CA ASP B 237 36.40 -23.38 -21.66
C ASP B 237 36.84 -21.98 -21.27
N PRO B 238 37.86 -21.87 -20.38
CA PRO B 238 38.04 -20.60 -19.65
C PRO B 238 38.84 -19.50 -20.34
N GLY B 239 38.29 -18.28 -20.28
CA GLY B 239 39.07 -17.06 -20.45
C GLY B 239 39.19 -16.42 -21.83
N PRO B 240 40.41 -16.40 -22.39
CA PRO B 240 41.64 -16.89 -21.78
C PRO B 240 41.94 -16.35 -20.36
N SER B 241 41.23 -15.29 -19.92
CA SER B 241 41.25 -14.81 -18.51
C SER B 241 41.14 -15.86 -17.39
N GLY B 242 41.13 -17.15 -17.73
CA GLY B 242 40.82 -18.22 -16.76
C GLY B 242 39.38 -18.15 -16.28
N LYS B 243 38.61 -17.20 -16.82
CA LYS B 243 37.25 -16.90 -16.43
C LYS B 243 36.33 -17.40 -17.53
N PRO B 244 35.61 -18.51 -17.27
CA PRO B 244 34.56 -19.00 -18.17
C PRO B 244 33.39 -18.03 -18.27
N TYR B 245 32.35 -18.45 -18.98
CA TYR B 245 31.11 -17.71 -19.03
C TYR B 245 30.32 -18.03 -17.78
N SER B 246 29.25 -17.24 -17.56
CA SER B 246 28.34 -17.48 -16.47
C SER B 246 27.03 -17.94 -17.05
N ALA B 247 26.42 -18.94 -16.44
CA ALA B 247 25.09 -19.36 -16.85
C ALA B 247 24.06 -18.93 -15.80
N ARG B 248 23.00 -18.26 -16.24
CA ARG B 248 21.89 -17.93 -15.36
C ARG B 248 20.63 -18.18 -16.13
N TYR B 249 19.73 -18.99 -15.60
CA TYR B 249 18.51 -19.32 -16.29
C TYR B 249 17.36 -19.42 -15.31
N ILE B 250 16.65 -18.32 -15.18
CA ILE B 250 15.51 -18.23 -14.29
C ILE B 250 14.39 -19.16 -14.77
N GLY B 251 14.25 -19.23 -16.09
CA GLY B 251 13.12 -19.89 -16.73
C GLY B 251 11.94 -18.94 -16.98
N SER B 252 12.10 -17.68 -16.61
CA SER B 252 11.10 -16.66 -16.84
C SER B 252 11.57 -15.82 -18.02
N LEU B 253 10.74 -15.69 -19.03
CA LEU B 253 11.19 -14.98 -20.22
C LEU B 253 11.52 -13.51 -19.98
N VAL B 254 10.62 -12.83 -19.29
CA VAL B 254 10.79 -11.39 -19.01
C VAL B 254 11.97 -11.13 -18.07
N GLY B 255 12.05 -11.95 -17.02
CA GLY B 255 13.19 -11.97 -16.11
C GLY B 255 14.52 -12.18 -16.84
N ASP B 256 14.69 -13.32 -17.46
CA ASP B 256 15.93 -13.56 -18.17
C ASP B 256 16.25 -12.42 -19.17
N PHE B 257 15.24 -11.92 -19.89
CA PHE B 257 15.47 -10.86 -20.88
C PHE B 257 15.86 -9.52 -20.23
N HIS B 258 15.28 -9.25 -19.09
CA HIS B 258 15.58 -8.03 -18.37
C HIS B 258 17.04 -8.02 -17.92
N ARG B 259 17.52 -9.13 -17.38
CA ARG B 259 18.87 -9.17 -16.85
C ARG B 259 19.85 -8.94 -17.98
N THR B 260 19.56 -9.60 -19.10
CA THR B 260 20.33 -9.45 -20.33
C THR B 260 20.27 -8.00 -20.74
N MET B 261 19.09 -7.41 -20.71
CA MET B 261 18.93 -6.00 -21.00
C MET B 261 20.00 -5.14 -20.30
N LEU B 262 20.12 -5.31 -18.99
CA LEU B 262 20.94 -4.44 -18.16
C LEU B 262 22.40 -4.84 -18.18
N TYR B 263 22.65 -6.15 -18.12
CA TYR B 263 24.00 -6.65 -17.91
C TYR B 263 24.62 -7.33 -19.11
N GLY B 264 23.89 -7.39 -20.22
CA GLY B 264 24.40 -7.98 -21.48
C GLY B 264 24.56 -9.50 -21.46
N GLY B 265 24.92 -10.06 -22.60
CA GLY B 265 25.08 -11.49 -22.77
C GLY B 265 24.14 -11.98 -23.85
N ILE B 266 23.77 -13.25 -23.79
CA ILE B 266 22.81 -13.81 -24.72
C ILE B 266 21.69 -14.64 -24.06
N TYR B 267 20.46 -14.42 -24.51
CA TYR B 267 19.33 -15.26 -24.09
C TYR B 267 18.93 -16.10 -25.26
N GLY B 268 18.50 -17.32 -25.00
CA GLY B 268 18.21 -18.25 -26.08
C GLY B 268 17.12 -19.26 -25.77
N TYR B 269 16.08 -19.28 -26.61
CA TYR B 269 15.24 -20.45 -26.71
C TYR B 269 15.40 -21.06 -28.11
N PRO B 270 16.21 -22.13 -28.19
CA PRO B 270 16.51 -22.80 -29.46
C PRO B 270 15.47 -23.86 -29.81
N ARG B 271 15.49 -24.27 -31.07
CA ARG B 271 14.70 -25.40 -31.51
C ARG B 271 15.46 -26.66 -31.13
N ASP B 272 14.74 -27.78 -31.04
CA ASP B 272 15.38 -29.03 -30.64
C ASP B 272 14.53 -30.20 -31.14
N SER B 273 15.03 -31.42 -30.88
CA SER B 273 14.32 -32.68 -31.18
C SER B 273 12.82 -32.51 -31.17
N LYS B 274 12.28 -32.22 -29.99
CA LYS B 274 10.84 -32.22 -29.77
C LYS B 274 10.16 -30.98 -30.34
N SER B 275 10.88 -29.86 -30.39
CA SER B 275 10.31 -28.59 -30.82
C SER B 275 10.94 -28.09 -32.11
N LYS B 276 10.34 -28.44 -33.23
CA LYS B 276 10.98 -28.23 -34.52
C LYS B 276 11.28 -26.76 -34.81
N ASN B 277 10.43 -25.87 -34.33
CA ASN B 277 10.57 -24.44 -34.65
C ASN B 277 10.65 -23.52 -33.43
N GLY B 278 11.33 -23.99 -32.39
CA GLY B 278 11.50 -23.23 -31.19
C GLY B 278 10.30 -23.44 -30.29
N LYS B 279 10.12 -22.54 -29.36
CA LYS B 279 8.98 -22.62 -28.46
C LYS B 279 8.30 -21.27 -28.22
N LEU B 280 9.04 -20.18 -28.40
CA LEU B 280 8.48 -18.87 -28.20
C LEU B 280 7.72 -18.44 -29.45
N ARG B 281 6.73 -17.57 -29.27
CA ARG B 281 5.88 -17.18 -30.36
C ARG B 281 6.31 -15.86 -30.95
N LEU B 282 6.36 -15.82 -32.27
CA LEU B 282 6.92 -14.71 -33.02
C LEU B 282 6.26 -13.39 -32.60
N LEU B 283 4.95 -13.29 -32.77
CA LEU B 283 4.27 -11.98 -32.68
C LEU B 283 4.12 -11.44 -31.28
N TYR B 284 3.89 -12.36 -30.34
CA TYR B 284 3.53 -12.01 -28.97
C TYR B 284 4.74 -11.80 -28.12
N GLU B 285 5.72 -12.68 -28.29
CA GLU B 285 6.89 -12.75 -27.44
C GLU B 285 8.15 -12.19 -28.11
N CYS B 286 8.50 -12.75 -29.25
CA CYS B 286 9.78 -12.50 -29.86
C CYS B 286 9.88 -11.14 -30.52
N ALA B 287 8.89 -10.80 -31.34
CA ALA B 287 8.93 -9.54 -32.09
C ALA B 287 8.99 -8.29 -31.19
N PRO B 288 8.27 -8.29 -30.07
CA PRO B 288 8.39 -7.16 -29.14
C PRO B 288 9.75 -7.04 -28.48
N MET B 289 10.32 -8.18 -28.07
CA MET B 289 11.54 -8.13 -27.28
C MET B 289 12.67 -7.66 -28.16
N SER B 290 12.70 -8.22 -29.34
CA SER B 290 13.77 -7.93 -30.27
C SER B 290 13.77 -6.46 -30.62
N TYR B 291 12.63 -5.98 -31.06
CA TYR B 291 12.47 -4.56 -31.35
C TYR B 291 13.04 -3.71 -30.24
N LEU B 292 12.81 -4.12 -29.00
CA LEU B 292 13.34 -3.41 -27.83
C LEU B 292 14.84 -3.55 -27.71
N ALA B 293 15.32 -4.72 -28.05
CA ALA B 293 16.72 -5.00 -27.92
C ALA B 293 17.51 -4.29 -28.99
N GLU B 294 16.90 -4.16 -30.18
CA GLU B 294 17.51 -3.38 -31.25
C GLU B 294 17.56 -1.92 -30.83
N GLN B 295 16.48 -1.43 -30.25
CA GLN B 295 16.41 -0.04 -29.75
C GLN B 295 17.42 0.30 -28.64
N ALA B 296 17.98 -0.74 -28.02
CA ALA B 296 18.94 -0.56 -26.95
C ALA B 296 20.37 -0.91 -27.36
N GLY B 297 20.58 -1.28 -28.61
CA GLY B 297 21.95 -1.54 -29.10
C GLY B 297 22.38 -3.00 -29.09
N GLY B 298 21.40 -3.87 -29.34
CA GLY B 298 21.64 -5.29 -29.32
C GLY B 298 21.06 -5.87 -30.58
N LYS B 299 21.01 -7.19 -30.65
CA LYS B 299 20.48 -7.89 -31.81
C LYS B 299 19.49 -8.93 -31.37
N GLY B 300 18.46 -9.13 -32.17
CA GLY B 300 17.47 -10.16 -31.91
C GLY B 300 17.40 -11.00 -33.16
N SER B 301 17.57 -12.32 -33.01
CA SER B 301 17.77 -13.26 -34.14
C SER B 301 17.01 -14.60 -34.02
N ASP B 302 17.07 -15.40 -35.09
CA ASP B 302 16.57 -16.78 -35.08
C ASP B 302 17.67 -17.79 -35.34
N GLY B 303 18.91 -17.32 -35.32
CA GLY B 303 20.10 -18.11 -35.65
C GLY B 303 20.70 -17.77 -37.01
N HIS B 304 19.88 -17.17 -37.86
CA HIS B 304 20.25 -16.98 -39.26
C HIS B 304 19.89 -15.58 -39.79
N GLN B 305 18.73 -15.06 -39.42
CA GLN B 305 18.27 -13.74 -39.87
C GLN B 305 17.56 -13.03 -38.76
N ARG B 306 17.73 -11.70 -38.70
CA ARG B 306 17.10 -10.85 -37.67
C ARG B 306 15.59 -11.14 -37.59
N ILE B 307 15.07 -11.08 -36.39
CA ILE B 307 13.79 -11.68 -36.14
C ILE B 307 12.65 -10.78 -36.60
N LEU B 308 12.95 -9.49 -36.76
CA LEU B 308 11.96 -8.52 -37.21
C LEU B 308 11.79 -8.50 -38.74
N ASP B 309 12.90 -8.64 -39.45
CA ASP B 309 12.88 -8.99 -40.87
C ASP B 309 11.76 -9.94 -41.22
N ILE B 310 11.37 -10.79 -40.26
CA ILE B 310 10.43 -11.85 -40.51
C ILE B 310 9.01 -11.38 -40.42
N GLN B 311 8.21 -11.90 -41.35
CA GLN B 311 6.81 -11.54 -41.52
C GLN B 311 6.00 -12.75 -41.05
N PRO B 312 5.09 -12.56 -40.09
CA PRO B 312 4.29 -13.68 -39.60
C PRO B 312 3.30 -14.12 -40.64
N GLU B 313 3.44 -15.36 -41.09
CA GLU B 313 2.54 -15.91 -42.06
C GLU B 313 1.51 -16.70 -41.26
N GLN B 314 1.99 -17.61 -40.41
CA GLN B 314 1.13 -18.45 -39.58
C GLN B 314 0.54 -17.61 -38.43
N VAL B 315 -0.08 -18.30 -37.47
CA VAL B 315 -1.05 -17.70 -36.54
C VAL B 315 -0.51 -17.66 -35.09
N HIS B 316 -0.27 -18.84 -34.50
CA HIS B 316 0.40 -18.97 -33.20
C HIS B 316 1.82 -19.47 -33.49
N GLN B 317 2.51 -18.68 -34.29
CA GLN B 317 3.70 -19.10 -35.00
C GLN B 317 4.89 -19.06 -34.08
N ARG B 318 5.65 -20.16 -34.06
CA ARG B 318 6.82 -20.29 -33.18
C ARG B 318 8.12 -20.02 -33.93
N VAL B 319 9.20 -19.90 -33.16
CA VAL B 319 10.50 -19.48 -33.67
C VAL B 319 11.59 -19.65 -32.59
N PRO B 320 12.84 -19.92 -33.02
CA PRO B 320 13.93 -19.83 -32.09
C PRO B 320 14.25 -18.39 -31.80
N LEU B 321 14.63 -18.10 -30.55
CA LEU B 321 15.05 -16.74 -30.22
C LEU B 321 16.44 -16.76 -29.71
N TYR B 322 17.26 -15.89 -30.25
CA TYR B 322 18.60 -15.62 -29.73
C TYR B 322 18.71 -14.09 -29.65
N VAL B 323 18.91 -13.54 -28.46
CA VAL B 323 18.79 -12.12 -28.30
C VAL B 323 19.70 -11.62 -27.21
N GLY B 324 20.29 -10.44 -27.39
CA GLY B 324 21.17 -9.88 -26.37
C GLY B 324 22.22 -8.95 -26.89
N SER B 325 23.38 -8.92 -26.22
CA SER B 325 24.53 -8.17 -26.68
C SER B 325 24.76 -8.44 -28.15
N THR B 326 25.21 -7.41 -28.87
CA THR B 326 25.30 -7.49 -30.31
C THR B 326 26.35 -8.49 -30.80
N GLU B 327 27.48 -8.55 -30.10
CA GLU B 327 28.61 -9.45 -30.49
C GLU B 327 28.30 -10.92 -30.22
N GLU B 328 27.54 -11.17 -29.16
CA GLU B 328 27.30 -12.52 -28.67
C GLU B 328 26.36 -13.27 -29.57
N VAL B 329 25.43 -12.54 -30.18
CA VAL B 329 24.48 -13.11 -31.12
C VAL B 329 25.15 -13.41 -32.47
N GLU B 330 26.04 -12.52 -32.91
CA GLU B 330 26.78 -12.73 -34.16
C GLU B 330 27.58 -14.00 -34.03
N LYS B 331 28.32 -14.08 -32.92
CA LYS B 331 29.08 -15.25 -32.59
C LYS B 331 28.27 -16.53 -32.63
N LEU B 332 26.99 -16.45 -32.32
CA LEU B 332 26.14 -17.64 -32.40
C LEU B 332 25.74 -17.92 -33.83
N GLU B 333 25.13 -16.93 -34.46
CA GLU B 333 24.73 -17.03 -35.85
C GLU B 333 25.77 -17.72 -36.73
N LYS B 334 27.02 -17.48 -36.38
CA LYS B 334 28.16 -18.08 -37.04
C LYS B 334 28.26 -19.61 -36.86
N PHE B 335 28.10 -20.08 -35.62
CA PHE B 335 28.19 -21.53 -35.32
C PHE B 335 27.04 -22.31 -35.93
N LEU B 336 25.93 -21.64 -36.14
CA LEU B 336 24.78 -22.30 -36.72
C LEU B 336 24.86 -22.26 -38.23
N ALA B 337 25.59 -21.28 -38.75
CA ALA B 337 25.80 -21.14 -40.19
C ALA B 337 25.87 -22.52 -40.90
N ILE C 1 -13.63 2.54 -15.84
CA ILE C 1 -12.64 3.20 -14.91
C ILE C 1 -11.87 4.30 -15.63
N THR C 2 -12.12 5.55 -15.24
CA THR C 2 -11.38 6.66 -15.83
C THR C 2 -10.50 7.27 -14.77
N THR C 3 -9.19 7.28 -15.00
CA THR C 3 -8.30 7.89 -14.04
C THR C 3 -8.30 9.38 -14.23
N PHE C 4 -7.71 10.07 -13.27
CA PHE C 4 -7.39 11.46 -13.39
C PHE C 4 -6.52 11.74 -14.62
N THR C 5 -5.57 10.86 -14.89
CA THR C 5 -4.66 11.04 -16.00
C THR C 5 -5.46 11.05 -17.27
N THR C 6 -6.11 9.94 -17.55
CA THR C 6 -6.98 9.78 -18.71
C THR C 6 -7.81 11.02 -18.91
N TRP C 7 -8.57 11.37 -17.88
CA TRP C 7 -9.51 12.45 -17.96
C TRP C 7 -8.82 13.75 -18.30
N LEU C 8 -7.74 14.07 -17.59
CA LEU C 8 -6.89 15.24 -17.91
C LEU C 8 -6.55 15.33 -19.40
N LEU C 9 -5.87 14.30 -19.90
CA LEU C 9 -5.56 14.22 -21.32
C LEU C 9 -6.80 14.51 -22.16
N LYS C 10 -7.92 13.85 -21.85
CA LYS C 10 -9.14 14.04 -22.64
C LYS C 10 -9.68 15.47 -22.60
N GLN C 11 -9.33 16.21 -21.56
CA GLN C 11 -9.59 17.64 -21.51
C GLN C 11 -8.71 18.39 -22.50
N GLU C 12 -7.42 18.11 -22.46
CA GLU C 12 -6.52 18.65 -23.46
C GLU C 12 -6.91 18.18 -24.85
N GLN C 13 -7.52 17.01 -24.92
CA GLN C 13 -8.02 16.42 -26.16
C GLN C 13 -9.06 17.33 -26.77
N ALA C 14 -10.12 17.59 -26.02
CA ALA C 14 -11.11 18.58 -26.44
C ALA C 14 -10.57 20.04 -26.36
N GLY C 15 -9.23 20.18 -26.41
CA GLY C 15 -8.54 21.49 -26.36
C GLY C 15 -9.02 22.49 -25.31
N VAL C 16 -9.57 21.95 -24.22
CA VAL C 16 -10.05 22.76 -23.10
C VAL C 16 -8.84 23.32 -22.40
N ILE C 17 -7.75 22.56 -22.44
CA ILE C 17 -6.50 22.97 -21.83
C ILE C 17 -5.37 22.71 -22.81
N ASP C 18 -4.22 23.30 -22.53
CA ASP C 18 -3.02 23.01 -23.29
C ASP C 18 -2.17 22.02 -22.53
N GLY C 19 -1.21 21.43 -23.23
CA GLY C 19 -0.27 20.51 -22.62
C GLY C 19 0.40 21.14 -21.43
N GLU C 20 0.91 22.35 -21.63
CA GLU C 20 1.74 22.99 -20.62
C GLU C 20 1.02 23.05 -19.26
N LEU C 21 -0.31 23.10 -19.33
CA LEU C 21 -1.19 23.10 -18.16
C LEU C 21 -1.54 21.70 -17.71
N THR C 22 -1.77 20.78 -18.64
CA THR C 22 -2.01 19.38 -18.29
C THR C 22 -0.85 18.89 -17.41
N ILE C 23 0.33 19.45 -17.63
CA ILE C 23 1.49 19.13 -16.81
C ILE C 23 1.38 19.70 -15.39
N VAL C 24 1.01 20.97 -15.30
CA VAL C 24 0.89 21.59 -14.00
C VAL C 24 -0.08 20.81 -13.12
N LEU C 25 -1.26 20.50 -13.65
CA LEU C 25 -2.31 19.79 -12.93
C LEU C 25 -1.93 18.38 -12.56
N SER C 26 -1.26 17.70 -13.48
CA SER C 26 -0.75 16.35 -13.24
C SER C 26 0.32 16.34 -12.13
N SER C 27 1.22 17.32 -12.20
CA SER C 27 2.21 17.53 -11.16
C SER C 27 1.57 17.74 -9.78
N ILE C 28 0.53 18.54 -9.76
CA ILE C 28 -0.16 18.86 -8.53
C ILE C 28 -0.77 17.62 -7.90
N SER C 29 -1.42 16.78 -8.69
CA SER C 29 -2.04 15.58 -8.15
C SER C 29 -1.02 14.72 -7.41
N LEU C 30 0.16 14.53 -7.99
CA LEU C 30 1.19 13.77 -7.32
C LEU C 30 1.47 14.38 -5.96
N ALA C 31 1.80 15.66 -5.95
CA ALA C 31 2.10 16.36 -4.71
C ALA C 31 1.04 16.02 -3.65
N CYS C 32 -0.21 15.90 -4.08
CA CYS C 32 -1.30 15.61 -3.18
C CYS C 32 -1.18 14.23 -2.62
N LYS C 33 -0.93 13.26 -3.48
CA LYS C 33 -0.68 11.89 -3.04
C LYS C 33 0.36 11.86 -1.94
N GLN C 34 1.41 12.64 -2.12
CA GLN C 34 2.50 12.63 -1.19
C GLN C 34 2.11 13.24 0.16
N ILE C 35 1.31 14.29 0.10
CA ILE C 35 0.89 14.99 1.32
C ILE C 35 -0.09 14.11 2.08
N ALA C 36 -0.84 13.29 1.36
CA ALA C 36 -1.78 12.40 1.98
C ALA C 36 -1.03 11.48 2.90
N SER C 37 0.07 10.93 2.40
CA SER C 37 0.92 10.05 3.23
C SER C 37 1.37 10.78 4.48
N LEU C 38 2.07 11.90 4.31
CA LEU C 38 2.47 12.74 5.43
C LEU C 38 1.41 12.72 6.49
N VAL C 39 0.18 12.97 6.08
CA VAL C 39 -0.92 13.12 7.00
C VAL C 39 -1.28 11.80 7.64
N GLN C 40 -1.08 10.69 6.95
CA GLN C 40 -1.44 9.39 7.53
C GLN C 40 -0.34 8.90 8.43
N ARG C 41 0.88 8.86 7.88
CA ARG C 41 2.13 8.73 8.63
C ARG C 41 2.26 9.95 9.55
N ALA C 42 1.17 10.35 10.22
CA ALA C 42 1.11 11.66 10.87
C ALA C 42 2.06 11.72 12.05
N GLY C 43 1.79 10.90 13.05
CA GLY C 43 2.54 10.88 14.30
C GLY C 43 3.42 9.66 14.48
N ILE C 44 3.89 9.06 13.37
CA ILE C 44 4.90 7.99 13.39
C ILE C 44 6.28 8.58 13.17
N SER C 45 6.41 9.46 12.17
CA SER C 45 7.65 10.19 11.91
C SER C 45 7.92 11.21 13.01
N ASN C 46 6.84 11.83 13.49
CA ASN C 46 6.91 12.81 14.57
C ASN C 46 7.14 12.21 15.98
N LEU C 47 7.36 10.89 16.07
CA LEU C 47 7.91 10.26 17.27
C LEU C 47 9.44 10.53 17.35
N THR C 48 10.08 10.71 16.18
CA THR C 48 11.52 11.01 16.08
C THR C 48 11.83 12.48 16.36
N GLY C 58 -0.35 21.32 21.63
CA GLY C 58 0.87 20.95 20.92
C GLY C 58 0.92 21.43 19.48
N GLU C 59 1.93 20.97 18.74
CA GLU C 59 2.23 21.49 17.39
C GLU C 59 2.90 20.53 16.42
N ASP C 60 2.05 19.72 15.77
CA ASP C 60 2.44 18.70 14.79
C ASP C 60 1.97 19.21 13.42
N GLN C 61 0.79 19.82 13.42
CA GLN C 61 0.17 20.43 12.24
C GLN C 61 1.04 21.50 11.56
N LYS C 62 1.64 22.37 12.36
CA LYS C 62 2.43 23.47 11.84
C LYS C 62 3.73 23.04 11.18
N LYS C 63 4.45 22.13 11.82
CA LYS C 63 5.68 21.58 11.27
C LYS C 63 5.40 20.90 9.92
N LEU C 64 4.16 20.44 9.78
CA LEU C 64 3.69 19.73 8.61
C LEU C 64 3.26 20.66 7.48
N ASP C 65 2.69 21.83 7.81
CA ASP C 65 2.40 22.88 6.81
C ASP C 65 3.62 23.07 5.94
N VAL C 66 4.77 23.18 6.64
CA VAL C 66 6.05 23.52 6.05
C VAL C 66 6.44 22.51 5.00
N ILE C 67 6.52 21.25 5.44
CA ILE C 67 6.98 20.12 4.63
C ILE C 67 6.17 20.05 3.35
N SER C 68 4.86 20.19 3.48
CA SER C 68 3.93 20.07 2.35
C SER C 68 4.18 21.09 1.24
N ASN C 69 4.70 22.27 1.58
CA ASN C 69 5.07 23.25 0.57
C ASN C 69 6.33 22.80 -0.12
N GLU C 70 7.23 22.19 0.62
CA GLU C 70 8.48 21.66 0.04
C GLU C 70 8.10 20.63 -1.01
N VAL C 71 7.11 19.82 -0.67
CA VAL C 71 6.61 18.75 -1.55
C VAL C 71 6.04 19.37 -2.82
N PHE C 72 5.18 20.35 -2.64
CA PHE C 72 4.64 21.11 -3.76
C PHE C 72 5.77 21.63 -4.68
N SER C 73 6.82 22.19 -4.05
CA SER C 73 7.91 22.87 -4.77
C SER C 73 8.51 21.90 -5.75
N SER C 74 8.98 20.77 -5.22
CA SER C 74 9.68 19.78 -6.03
C SER C 74 8.79 19.26 -7.12
N CYS C 75 7.54 18.98 -6.79
CA CYS C 75 6.64 18.34 -7.74
C CYS C 75 6.35 19.17 -9.00
N LEU C 76 6.56 20.49 -8.94
CA LEU C 76 6.40 21.36 -10.13
C LEU C 76 7.67 22.05 -10.61
N ARG C 77 8.82 21.64 -10.05
CA ARG C 77 10.11 22.19 -10.44
C ARG C 77 10.26 22.23 -11.96
N SER C 78 9.78 21.18 -12.63
CA SER C 78 9.70 21.12 -14.11
C SER C 78 8.92 22.28 -14.76
N SER C 79 7.74 22.57 -14.25
CA SER C 79 6.92 23.58 -14.86
C SER C 79 7.38 24.98 -14.48
N GLY C 80 7.74 25.23 -13.22
CA GLY C 80 8.03 26.60 -12.77
C GLY C 80 8.88 26.75 -11.55
N ARG C 81 8.94 27.99 -11.07
CA ARG C 81 9.68 28.33 -9.84
C ARG C 81 8.69 28.85 -8.80
N THR C 82 8.97 28.54 -7.53
CA THR C 82 7.98 28.62 -6.48
C THR C 82 8.57 29.16 -5.18
N GLY C 83 7.82 30.09 -4.54
CA GLY C 83 8.25 30.76 -3.31
C GLY C 83 7.12 30.88 -2.30
N ILE C 84 7.45 31.28 -1.08
CA ILE C 84 6.52 31.15 0.03
C ILE C 84 6.21 32.47 0.71
N ILE C 85 4.95 32.88 0.63
CA ILE C 85 4.38 33.95 1.46
C ILE C 85 4.14 33.46 2.91
N ALA C 86 4.90 33.99 3.87
CA ALA C 86 4.93 33.45 5.25
C ALA C 86 3.65 33.66 6.09
N SER C 87 3.60 32.99 7.24
CA SER C 87 2.39 32.96 8.11
C SER C 87 2.33 34.14 9.08
N GLU C 88 1.61 35.19 8.70
CA GLU C 88 1.69 36.50 9.39
C GLU C 88 0.96 36.58 10.72
N GLU C 89 0.22 35.51 11.04
CA GLU C 89 -0.58 35.35 12.24
C GLU C 89 -0.51 33.85 12.50
N GLU C 90 -1.60 33.25 13.01
CA GLU C 90 -1.70 31.80 13.17
C GLU C 90 -2.31 31.24 11.92
N ASP C 91 -1.55 31.26 10.83
CA ASP C 91 -2.03 30.81 9.54
C ASP C 91 -1.10 29.80 8.92
N THR C 92 -1.51 29.34 7.74
CA THR C 92 -0.69 28.45 6.95
C THR C 92 0.14 29.34 6.04
N PRO C 93 1.42 29.01 5.86
CA PRO C 93 2.18 29.67 4.79
C PRO C 93 1.73 29.15 3.42
N VAL C 94 1.74 30.01 2.39
CA VAL C 94 1.15 29.69 1.11
C VAL C 94 2.17 29.66 -0.02
N ALA C 95 2.33 28.53 -0.68
CA ALA C 95 3.26 28.47 -1.79
C ALA C 95 2.65 29.06 -3.04
N VAL C 96 3.51 29.59 -3.89
CA VAL C 96 3.13 30.12 -5.21
C VAL C 96 4.13 29.69 -6.26
N GLU C 97 3.64 29.12 -7.37
CA GLU C 97 4.51 28.74 -8.47
C GLU C 97 4.25 29.72 -9.59
N GLU C 98 5.33 30.13 -10.27
CA GLU C 98 5.25 30.95 -11.47
C GLU C 98 5.91 30.18 -12.59
N SER C 99 5.13 29.92 -13.64
CA SER C 99 5.60 29.08 -14.73
C SER C 99 6.80 29.76 -15.39
N TYR C 100 7.81 28.96 -15.77
CA TYR C 100 8.94 29.47 -16.53
C TYR C 100 8.40 30.08 -17.83
N SER C 101 7.57 29.32 -18.53
CA SER C 101 6.86 29.79 -19.71
C SER C 101 6.14 31.11 -19.48
N GLY C 102 5.82 31.44 -18.22
CA GLY C 102 5.19 32.72 -17.86
C GLY C 102 3.69 32.80 -18.10
N ASN C 103 3.11 31.73 -18.65
CA ASN C 103 1.70 31.70 -19.03
C ASN C 103 0.79 31.50 -17.81
N TYR C 104 1.28 30.83 -16.75
CA TYR C 104 0.43 30.42 -15.62
C TYR C 104 1.04 30.80 -14.25
N ILE C 105 0.14 30.94 -13.25
CA ILE C 105 0.51 31.10 -11.84
C ILE C 105 -0.42 30.30 -10.94
N VAL C 106 0.18 29.55 -10.03
CA VAL C 106 -0.56 28.66 -9.14
C VAL C 106 -0.44 29.07 -7.67
N VAL C 107 -1.58 29.21 -7.00
CA VAL C 107 -1.58 29.51 -5.58
C VAL C 107 -2.08 28.33 -4.74
N PHE C 108 -1.24 27.89 -3.81
CA PHE C 108 -1.40 26.63 -3.15
C PHE C 108 -1.42 26.82 -1.65
N ASP C 109 -2.60 26.64 -1.06
CA ASP C 109 -2.74 26.47 0.38
C ASP C 109 -2.43 25.02 0.64
N PRO C 110 -1.35 24.70 1.35
CA PRO C 110 -1.00 23.31 1.54
C PRO C 110 -2.00 22.55 2.44
N LEU C 111 -2.35 23.06 3.62
CA LEU C 111 -3.33 22.44 4.49
C LEU C 111 -4.29 23.47 5.06
N ASP C 112 -5.58 23.21 4.98
CA ASP C 112 -6.57 24.16 5.43
C ASP C 112 -6.26 24.99 6.71
N GLY C 113 -5.61 24.37 7.70
CA GLY C 113 -5.46 24.97 9.04
C GLY C 113 -4.11 24.71 9.66
N SER C 114 -3.86 25.40 10.77
CA SER C 114 -2.62 25.21 11.57
C SER C 114 -2.91 24.77 13.01
N SER C 115 -4.17 24.41 13.28
CA SER C 115 -4.57 23.91 14.60
C SER C 115 -4.53 22.39 14.63
N ASN C 116 -3.95 21.84 15.69
CA ASN C 116 -3.99 20.41 15.93
C ASN C 116 -5.41 19.86 16.02
N ILE C 117 -6.23 20.57 16.77
CA ILE C 117 -7.62 20.20 17.04
C ILE C 117 -8.42 20.05 15.75
N ASP C 118 -8.34 21.08 14.91
CA ASP C 118 -9.20 21.20 13.71
C ASP C 118 -8.81 20.17 12.67
N ALA C 119 -7.58 19.70 12.74
CA ALA C 119 -7.09 18.68 11.83
C ALA C 119 -7.06 17.26 12.44
N ALA C 120 -7.76 17.05 13.54
CA ALA C 120 -7.71 15.78 14.27
C ALA C 120 -8.40 14.61 13.54
N VAL C 121 -9.23 14.92 12.56
CA VAL C 121 -9.82 13.89 11.69
C VAL C 121 -9.77 14.19 10.20
N SER C 122 -9.67 15.45 9.80
CA SER C 122 -9.58 15.77 8.37
C SER C 122 -8.83 17.07 8.13
N THR C 123 -8.26 17.18 6.93
CA THR C 123 -7.63 18.42 6.45
C THR C 123 -7.57 18.45 4.89
N GLY C 124 -6.75 19.29 4.28
CA GLY C 124 -6.73 19.36 2.83
C GLY C 124 -5.99 20.55 2.22
N SER C 125 -5.59 20.41 0.96
CA SER C 125 -4.98 21.48 0.20
C SER C 125 -5.93 22.11 -0.79
N ILE C 126 -5.77 23.40 -1.00
CA ILE C 126 -6.61 24.16 -1.90
C ILE C 126 -5.71 24.89 -2.83
N PHE C 127 -6.14 25.04 -4.07
CA PHE C 127 -5.35 25.73 -5.07
C PHE C 127 -6.24 26.35 -6.14
N GLY C 128 -5.77 27.45 -6.71
CA GLY C 128 -6.40 28.06 -7.88
C GLY C 128 -5.31 28.50 -8.85
N ILE C 129 -5.64 28.49 -10.13
CA ILE C 129 -4.66 28.81 -11.16
C ILE C 129 -5.13 29.93 -12.09
N TYR C 130 -4.27 30.93 -12.26
CA TYR C 130 -4.60 32.10 -13.08
C TYR C 130 -3.71 32.22 -14.36
N LYS C 131 -4.05 33.17 -15.23
CA LYS C 131 -3.26 33.58 -16.40
C LYS C 131 -2.80 35.03 -16.27
N PRO C 132 -1.55 35.26 -15.89
CA PRO C 132 -1.05 36.63 -15.63
C PRO C 132 -0.91 37.57 -16.84
N ASN C 133 -0.55 38.83 -16.56
CA ASN C 133 -0.09 39.84 -17.52
C ASN C 133 1.26 40.49 -17.21
N GLU C 134 1.86 40.13 -16.07
CA GLU C 134 3.01 40.86 -15.49
C GLU C 134 3.88 39.87 -14.68
N GLU C 135 5.17 40.18 -14.58
CA GLU C 135 6.16 39.33 -13.88
C GLU C 135 6.43 39.58 -12.37
N CYS C 136 5.85 38.75 -11.51
CA CYS C 136 6.02 38.85 -10.04
C CYS C 136 7.38 38.45 -9.47
N LEU C 137 8.06 37.55 -10.18
CA LEU C 137 9.30 36.96 -9.72
C LEU C 137 9.02 36.06 -8.50
N THR C 145 11.49 32.66 0.51
CA THR C 145 10.56 33.69 0.98
C THR C 145 10.35 34.81 -0.05
N ILE C 146 9.23 35.51 0.09
CA ILE C 146 8.79 36.56 -0.84
C ILE C 146 8.61 37.89 -0.11
N ASP C 147 9.52 38.84 -0.36
CA ASP C 147 9.54 40.17 0.31
C ASP C 147 8.35 41.02 -0.14
N GLU C 148 7.95 42.02 0.66
CA GLU C 148 6.69 42.75 0.44
C GLU C 148 6.42 43.03 -1.05
N VAL C 149 6.96 44.12 -1.60
CA VAL C 149 6.68 44.49 -3.01
C VAL C 149 6.51 43.25 -3.91
N ALA C 150 7.61 42.50 -4.13
CA ALA C 150 7.58 41.12 -4.64
C ALA C 150 6.18 40.47 -4.57
N GLN C 151 5.59 40.39 -3.37
CA GLN C 151 4.20 39.92 -3.19
C GLN C 151 3.24 40.80 -3.97
N ASN C 152 2.89 41.96 -3.39
CA ASN C 152 1.79 42.78 -3.90
C ASN C 152 1.54 42.59 -5.37
N CYS C 153 2.61 42.63 -6.17
CA CYS C 153 2.54 42.22 -7.57
C CYS C 153 1.50 41.11 -7.76
N VAL C 154 1.65 40.03 -6.99
CA VAL C 154 0.77 38.85 -7.02
C VAL C 154 -0.71 39.20 -6.92
N VAL C 155 -1.04 39.96 -5.87
CA VAL C 155 -2.40 40.46 -5.64
C VAL C 155 -2.96 41.05 -6.95
N ASN C 156 -2.17 41.94 -7.57
CA ASN C 156 -2.50 42.60 -8.85
C ASN C 156 -2.56 41.68 -10.08
N VAL C 157 -1.86 40.55 -10.05
CA VAL C 157 -1.84 39.63 -11.20
C VAL C 157 -2.91 38.54 -11.04
N CYS C 158 -3.10 38.06 -9.81
CA CYS C 158 -4.20 37.16 -9.51
C CYS C 158 -5.51 37.94 -9.38
N GLN C 159 -6.32 37.88 -10.44
CA GLN C 159 -7.62 38.55 -10.46
C GLN C 159 -8.74 37.50 -10.59
N PRO C 160 -9.18 36.93 -9.43
CA PRO C 160 -10.12 35.82 -9.31
C PRO C 160 -11.42 35.87 -10.09
N GLY C 161 -11.98 37.05 -10.32
CA GLY C 161 -13.17 37.19 -11.18
C GLY C 161 -12.87 37.33 -12.68
N SER C 162 -11.63 37.00 -13.07
CA SER C 162 -11.13 37.29 -14.40
C SER C 162 -10.27 36.14 -14.91
N ASN C 163 -9.01 36.15 -14.50
CA ASN C 163 -8.02 35.26 -15.08
C ASN C 163 -7.99 33.89 -14.41
N LEU C 164 -8.86 33.65 -13.42
CA LEU C 164 -8.91 32.36 -12.71
C LEU C 164 -9.41 31.20 -13.60
N LEU C 165 -8.46 30.33 -13.99
CA LEU C 165 -8.67 29.35 -15.06
C LEU C 165 -9.17 28.05 -14.54
N SER C 166 -8.51 27.57 -13.49
CA SER C 166 -8.88 26.32 -12.85
C SER C 166 -8.69 26.42 -11.35
N ALA C 167 -9.35 25.53 -10.62
CA ALA C 167 -9.20 25.46 -9.17
C ALA C 167 -9.69 24.14 -8.63
N GLY C 168 -9.35 23.89 -7.38
CA GLY C 168 -9.70 22.63 -6.75
C GLY C 168 -9.23 22.48 -5.31
N TYR C 169 -9.50 21.32 -4.75
CA TYR C 169 -8.98 20.96 -3.44
C TYR C 169 -8.77 19.45 -3.34
N CYS C 170 -7.92 19.02 -2.42
CA CYS C 170 -7.80 17.61 -2.10
C CYS C 170 -8.07 17.44 -0.63
N MET C 171 -8.97 16.54 -0.27
CA MET C 171 -9.31 16.31 1.14
C MET C 171 -8.64 15.06 1.66
N TYR C 172 -8.06 15.15 2.85
CA TYR C 172 -7.42 14.01 3.45
C TYR C 172 -8.16 13.61 4.70
N SER C 173 -8.99 12.57 4.55
CA SER C 173 -9.80 12.06 5.63
C SER C 173 -9.94 10.56 5.43
N SER C 174 -11.10 9.98 5.76
CA SER C 174 -11.35 8.53 5.70
C SER C 174 -11.11 7.98 4.32
N SER C 175 -11.48 8.82 3.36
CA SER C 175 -11.15 8.66 1.96
C SER C 175 -10.36 9.89 1.55
N VAL C 176 -9.47 9.75 0.57
CA VAL C 176 -8.82 10.91 -0.06
C VAL C 176 -9.45 11.25 -1.40
N ILE C 177 -9.90 12.47 -1.56
CA ILE C 177 -10.63 12.87 -2.74
C ILE C 177 -10.00 14.12 -3.29
N LEU C 178 -9.97 14.23 -4.61
CA LEU C 178 -9.49 15.44 -5.28
C LEU C 178 -10.63 16.01 -6.09
N VAL C 179 -10.98 17.26 -5.83
CA VAL C 179 -12.11 17.93 -6.46
C VAL C 179 -11.63 19.16 -7.22
N LEU C 180 -12.20 19.38 -8.40
CA LEU C 180 -11.54 20.16 -9.41
C LEU C 180 -12.49 20.70 -10.46
N SER C 181 -12.24 21.93 -10.92
CA SER C 181 -12.89 22.46 -12.12
C SER C 181 -11.92 23.30 -12.98
N VAL C 182 -12.07 23.16 -14.29
CA VAL C 182 -11.27 23.93 -15.25
C VAL C 182 -12.14 24.96 -15.95
N GLY C 183 -13.41 25.05 -15.58
CA GLY C 183 -14.33 25.99 -16.19
C GLY C 183 -15.62 25.39 -16.73
N HIS C 184 -15.76 24.07 -16.72
CA HIS C 184 -16.92 23.42 -17.33
C HIS C 184 -17.52 22.36 -16.44
N GLY C 185 -17.76 22.71 -15.19
CA GLY C 185 -18.32 21.78 -14.23
C GLY C 185 -17.24 21.22 -13.32
N VAL C 186 -17.70 20.70 -12.19
CA VAL C 186 -16.82 20.21 -11.14
C VAL C 186 -16.77 18.69 -11.20
N TYR C 187 -15.58 18.13 -10.98
CA TYR C 187 -15.40 16.69 -11.04
C TYR C 187 -14.60 16.21 -9.84
N GLY C 188 -14.95 15.04 -9.32
CA GLY C 188 -14.35 14.48 -8.12
C GLY C 188 -13.70 13.10 -8.32
N PHE C 189 -12.47 12.95 -7.87
CA PHE C 189 -11.73 11.72 -8.02
C PHE C 189 -11.31 11.15 -6.67
N THR C 190 -11.69 9.91 -6.40
CA THR C 190 -11.30 9.25 -5.17
C THR C 190 -9.95 8.59 -5.43
N LEU C 191 -9.06 8.61 -4.44
CA LEU C 191 -7.73 8.00 -4.61
C LEU C 191 -7.80 6.55 -4.24
N ASP C 192 -7.32 5.71 -5.12
CA ASP C 192 -7.39 4.27 -4.97
C ASP C 192 -6.12 3.78 -4.26
N PRO C 193 -6.22 3.29 -2.99
CA PRO C 193 -5.03 2.99 -2.19
C PRO C 193 -4.18 1.83 -2.64
N LEU C 194 -4.80 0.70 -2.92
CA LEU C 194 -4.13 -0.41 -3.62
C LEU C 194 -3.16 0.01 -4.73
N TYR C 195 -3.69 0.63 -5.80
CA TYR C 195 -2.94 0.95 -7.00
C TYR C 195 -2.44 2.37 -7.10
N GLY C 196 -2.72 3.18 -6.10
CA GLY C 196 -2.23 4.55 -6.10
C GLY C 196 -2.61 5.37 -7.32
N GLU C 197 -3.91 5.34 -7.68
CA GLU C 197 -4.43 6.12 -8.79
C GLU C 197 -5.73 6.81 -8.42
N PHE C 198 -5.91 8.04 -8.88
CA PHE C 198 -7.16 8.77 -8.70
C PHE C 198 -8.16 8.29 -9.71
N VAL C 199 -9.34 7.88 -9.26
CA VAL C 199 -10.40 7.42 -10.15
C VAL C 199 -11.60 8.34 -10.10
N LEU C 200 -12.02 8.80 -11.28
CA LEU C 200 -13.16 9.68 -11.39
C LEU C 200 -14.33 9.01 -10.69
N SER C 201 -14.84 9.65 -9.65
CA SER C 201 -15.95 9.08 -8.87
C SER C 201 -17.17 9.99 -8.75
N HIS C 202 -17.06 11.23 -9.22
CA HIS C 202 -18.18 12.17 -9.26
C HIS C 202 -18.15 13.01 -10.53
N GLU C 203 -19.09 12.71 -11.44
CA GLU C 203 -19.26 13.46 -12.70
C GLU C 203 -20.04 14.75 -12.46
N GLU C 204 -19.66 15.83 -13.16
CA GLU C 204 -20.32 17.13 -13.05
C GLU C 204 -21.21 17.24 -11.83
N ILE C 205 -20.63 17.68 -10.72
CA ILE C 205 -21.31 17.58 -9.44
C ILE C 205 -22.14 18.82 -9.25
N LYS C 206 -23.36 18.61 -8.75
CA LYS C 206 -24.34 19.67 -8.60
C LYS C 206 -24.79 19.80 -7.15
N ILE C 207 -24.73 21.03 -6.65
CA ILE C 207 -25.02 21.34 -5.26
C ILE C 207 -26.51 21.55 -5.10
N PRO C 208 -27.15 20.73 -4.22
CA PRO C 208 -28.57 20.91 -3.96
C PRO C 208 -28.89 22.39 -3.80
N LYS C 209 -29.88 22.85 -4.53
CA LYS C 209 -30.30 24.25 -4.49
C LYS C 209 -30.75 24.59 -3.09
N SER C 210 -31.21 23.56 -2.37
CA SER C 210 -31.53 23.68 -0.95
C SER C 210 -30.91 22.54 -0.17
N GLY C 211 -30.66 22.77 1.12
CA GLY C 211 -30.25 21.72 2.05
C GLY C 211 -30.47 22.20 3.45
N LYS C 212 -30.88 21.29 4.34
CA LYS C 212 -31.20 21.69 5.72
C LYS C 212 -30.07 21.39 6.71
N ILE C 213 -28.90 21.92 6.38
CA ILE C 213 -27.70 21.77 7.20
C ILE C 213 -26.96 23.08 7.27
N TYR C 214 -26.37 23.36 8.44
CA TYR C 214 -25.64 24.59 8.63
C TYR C 214 -24.33 24.38 9.40
N SER C 215 -23.25 24.98 8.90
CA SER C 215 -21.93 24.84 9.49
C SER C 215 -21.36 26.14 10.00
N PHE C 216 -21.43 26.33 11.30
CA PHE C 216 -20.94 27.53 11.91
C PHE C 216 -20.31 27.15 13.22
N ASN C 217 -19.33 27.93 13.66
CA ASN C 217 -18.87 27.84 15.05
C ASN C 217 -19.80 28.57 16.01
N GLU C 218 -20.75 27.86 16.60
CA GLU C 218 -21.77 28.54 17.42
C GLU C 218 -21.28 28.97 18.77
N GLY C 219 -20.06 28.60 19.12
CA GLY C 219 -19.44 29.07 20.36
C GLY C 219 -19.23 30.58 20.32
N ASN C 220 -19.13 31.11 19.09
CA ASN C 220 -19.07 32.55 18.86
C ASN C 220 -20.44 33.22 18.71
N TYR C 221 -21.49 32.58 19.20
CA TYR C 221 -22.85 33.07 19.01
C TYR C 221 -23.02 34.45 19.59
N ALA C 222 -22.32 34.71 20.68
CA ALA C 222 -22.47 35.97 21.40
C ALA C 222 -21.55 37.06 20.90
N LEU C 223 -20.68 36.73 19.95
CA LEU C 223 -19.83 37.73 19.32
C LEU C 223 -20.42 38.19 18.00
N TRP C 224 -21.61 37.71 17.66
CA TRP C 224 -22.19 38.01 16.38
C TRP C 224 -23.14 39.21 16.42
N ASP C 225 -23.52 39.61 15.22
CA ASP C 225 -24.51 40.64 14.99
C ASP C 225 -25.91 40.09 15.30
N ASP C 226 -26.84 40.97 15.66
CA ASP C 226 -28.21 40.57 15.89
C ASP C 226 -28.79 40.05 14.58
N LYS C 227 -28.52 40.77 13.49
CA LYS C 227 -28.94 40.35 12.17
C LYS C 227 -28.66 38.85 11.96
N LEU C 228 -27.46 38.44 12.37
CA LEU C 228 -26.97 37.09 12.17
C LEU C 228 -27.52 36.12 13.19
N LYS C 229 -27.69 36.56 14.43
CA LYS C 229 -28.25 35.67 15.44
C LYS C 229 -29.66 35.27 15.03
N LYS C 230 -30.40 36.24 14.50
CA LYS C 230 -31.73 35.97 13.99
C LYS C 230 -31.72 34.94 12.86
N TYR C 231 -30.77 35.04 11.95
CA TYR C 231 -30.59 33.98 10.92
C TYR C 231 -30.45 32.62 11.58
N VAL C 232 -29.43 32.51 12.43
CA VAL C 232 -29.07 31.25 13.09
C VAL C 232 -30.22 30.70 13.95
N ASP C 233 -30.99 31.58 14.59
CA ASP C 233 -32.13 31.15 15.40
C ASP C 233 -33.33 30.72 14.55
N SER C 234 -33.58 31.49 13.49
CA SER C 234 -34.51 31.08 12.44
C SER C 234 -34.35 29.62 12.05
N LEU C 235 -33.13 29.11 12.08
CA LEU C 235 -32.84 27.76 11.61
C LEU C 235 -33.31 26.68 12.59
N LYS C 236 -33.37 27.02 13.88
CA LYS C 236 -33.58 26.04 14.93
C LYS C 236 -35.04 25.71 15.27
N ASP C 237 -35.98 26.55 14.85
CA ASP C 237 -37.38 26.25 15.06
C ASP C 237 -37.79 25.24 13.99
N PRO C 238 -38.66 24.27 14.35
CA PRO C 238 -38.79 23.09 13.50
C PRO C 238 -39.70 23.20 12.27
N GLY C 239 -39.18 22.70 11.15
CA GLY C 239 -40.01 22.25 10.03
C GLY C 239 -40.31 23.23 8.88
N PRO C 240 -41.58 23.61 8.72
CA PRO C 240 -42.73 23.12 9.49
C PRO C 240 -42.84 21.59 9.63
N SER C 241 -42.11 20.80 8.80
CA SER C 241 -41.95 19.32 8.94
C SER C 241 -41.66 18.75 10.36
N GLY C 242 -41.68 19.60 11.40
CA GLY C 242 -41.26 19.20 12.73
C GLY C 242 -39.77 18.88 12.77
N LYS C 243 -39.12 19.05 11.62
CA LYS C 243 -37.72 18.71 11.41
C LYS C 243 -36.91 19.99 11.34
N PRO C 244 -36.12 20.28 12.40
CA PRO C 244 -35.20 21.42 12.40
C PRO C 244 -34.08 21.25 11.39
N TYR C 245 -33.14 22.19 11.40
CA TYR C 245 -31.93 22.06 10.58
C TYR C 245 -30.97 21.16 11.33
N SER C 246 -29.93 20.74 10.63
CA SER C 246 -28.86 19.95 11.24
C SER C 246 -27.62 20.80 11.30
N ALA C 247 -26.91 20.74 12.41
CA ALA C 247 -25.66 21.47 12.51
C ALA C 247 -24.52 20.45 12.47
N ARG C 248 -23.55 20.67 11.59
CA ARG C 248 -22.34 19.87 11.58
C ARG C 248 -21.19 20.82 11.39
N TYR C 249 -20.21 20.77 12.27
CA TYR C 249 -19.08 21.65 12.15
C TYR C 249 -17.84 20.92 12.56
N ILE C 250 -17.14 20.40 11.56
CA ILE C 250 -15.89 19.69 11.75
C ILE C 250 -14.80 20.64 12.29
N GLY C 251 -14.84 21.88 11.80
CA GLY C 251 -13.83 22.87 12.03
C GLY C 251 -12.75 22.85 10.96
N SER C 252 -12.88 21.94 10.00
CA SER C 252 -11.93 21.78 8.90
C SER C 252 -12.54 22.42 7.67
N LEU C 253 -11.86 23.37 7.05
CA LEU C 253 -12.48 24.11 5.97
C LEU C 253 -12.82 23.22 4.78
N VAL C 254 -11.85 22.41 4.37
CA VAL C 254 -12.01 21.56 3.22
C VAL C 254 -13.08 20.50 3.49
N GLY C 255 -13.02 19.88 4.68
CA GLY C 255 -14.03 18.94 5.15
C GLY C 255 -15.42 19.53 5.13
N ASP C 256 -15.65 20.56 5.92
CA ASP C 256 -16.97 21.16 5.94
C ASP C 256 -17.46 21.58 4.55
N PHE C 257 -16.57 22.13 3.70
CA PHE C 257 -16.94 22.56 2.33
C PHE C 257 -17.25 21.38 1.43
N HIS C 258 -16.54 20.29 1.65
CA HIS C 258 -16.78 19.09 0.87
C HIS C 258 -18.16 18.49 1.15
N ARG C 259 -18.54 18.41 2.42
CA ARG C 259 -19.80 17.81 2.77
C ARG C 259 -20.90 18.65 2.18
N THR C 260 -20.75 19.95 2.29
CA THR C 260 -21.67 20.91 1.69
C THR C 260 -21.72 20.69 0.18
N MET C 261 -20.55 20.54 -0.45
CA MET C 261 -20.48 20.23 -1.86
C MET C 261 -21.46 19.14 -2.25
N LEU C 262 -21.44 18.01 -1.54
CA LEU C 262 -22.16 16.80 -1.93
C LEU C 262 -23.60 16.82 -1.46
N TYR C 263 -23.79 17.27 -0.23
CA TYR C 263 -25.08 17.18 0.43
C TYR C 263 -25.84 18.48 0.59
N GLY C 264 -25.26 19.58 0.13
CA GLY C 264 -25.90 20.89 0.20
C GLY C 264 -26.02 21.47 1.61
N GLY C 265 -26.52 22.71 1.67
CA GLY C 265 -26.66 23.45 2.92
C GLY C 265 -25.86 24.73 2.82
N ILE C 266 -25.44 25.25 3.98
CA ILE C 266 -24.59 26.44 4.03
C ILE C 266 -23.37 26.34 4.98
N TYR C 267 -22.22 26.78 4.48
CA TYR C 267 -21.03 26.88 5.31
C TYR C 267 -20.77 28.34 5.56
N GLY C 268 -20.29 28.67 6.75
CA GLY C 268 -20.11 30.05 7.09
C GLY C 268 -18.96 30.31 8.02
N TYR C 269 -18.06 31.19 7.61
CA TYR C 269 -17.20 31.87 8.58
C TYR C 269 -17.53 33.36 8.57
N PRO C 270 -18.30 33.81 9.58
CA PRO C 270 -18.77 35.19 9.67
C PRO C 270 -17.77 36.07 10.41
N ARG C 271 -17.96 37.38 10.25
CA ARG C 271 -17.22 38.36 11.03
C ARG C 271 -17.89 38.47 12.38
N ASP C 272 -17.16 38.98 13.37
CA ASP C 272 -17.69 39.08 14.72
C ASP C 272 -16.93 40.15 15.50
N SER C 273 -17.36 40.39 16.75
CA SER C 273 -16.67 41.26 17.72
C SER C 273 -15.17 41.37 17.50
N LYS C 274 -14.48 40.25 17.71
CA LYS C 274 -13.03 40.23 17.67
C LYS C 274 -12.46 40.28 16.24
N SER C 275 -13.20 39.75 15.25
CA SER C 275 -12.69 39.65 13.87
C SER C 275 -13.52 40.51 12.93
N LYS C 276 -13.08 41.74 12.71
CA LYS C 276 -13.89 42.72 12.00
C LYS C 276 -14.23 42.32 10.59
N ASN C 277 -13.33 41.62 9.91
CA ASN C 277 -13.54 41.26 8.50
C ASN C 277 -13.46 39.76 8.19
N GLY C 278 -13.98 38.96 9.10
CA GLY C 278 -14.00 37.53 8.94
C GLY C 278 -12.69 36.94 9.41
N LYS C 279 -12.41 35.72 8.96
CA LYS C 279 -11.17 35.07 9.31
C LYS C 279 -10.51 34.38 8.13
N LEU C 280 -11.29 33.99 7.13
CA LEU C 280 -10.74 33.28 5.97
C LEU C 280 -10.19 34.30 5.00
N ARG C 281 -9.23 33.88 4.21
CA ARG C 281 -8.52 34.79 3.33
C ARG C 281 -9.05 34.71 1.92
N LEU C 282 -9.26 35.89 1.34
CA LEU C 282 -9.94 36.04 0.07
C LEU C 282 -9.27 35.20 -1.02
N LEU C 283 -7.99 35.46 -1.29
CA LEU C 283 -7.34 34.88 -2.48
C LEU C 283 -7.00 33.39 -2.39
N TYR C 284 -6.66 32.93 -1.20
CA TYR C 284 -6.12 31.59 -0.98
C TYR C 284 -7.21 30.61 -0.71
N GLU C 285 -8.17 31.04 0.08
CA GLU C 285 -9.21 30.18 0.61
C GLU C 285 -10.55 30.41 -0.06
N CYS C 286 -11.04 31.63 0.01
CA CYS C 286 -12.42 31.95 -0.36
C CYS C 286 -12.62 31.99 -1.87
N ALA C 287 -11.74 32.67 -2.60
CA ALA C 287 -11.91 32.81 -4.05
C ALA C 287 -11.90 31.45 -4.80
N PRO C 288 -11.03 30.51 -4.39
CA PRO C 288 -11.06 29.20 -5.02
C PRO C 288 -12.31 28.40 -4.73
N MET C 289 -12.79 28.44 -3.49
CA MET C 289 -13.91 27.59 -3.09
C MET C 289 -15.16 28.06 -3.79
N SER C 290 -15.33 29.37 -3.79
CA SER C 290 -16.49 29.97 -4.34
C SER C 290 -16.57 29.63 -5.81
N TYR C 291 -15.52 29.96 -6.53
CA TYR C 291 -15.43 29.65 -7.97
C TYR C 291 -15.87 28.23 -8.22
N LEU C 292 -15.46 27.32 -7.36
CA LEU C 292 -15.86 25.91 -7.45
C LEU C 292 -17.34 25.71 -7.13
N ALA C 293 -17.84 26.47 -6.19
CA ALA C 293 -19.22 26.31 -5.77
C ALA C 293 -20.17 26.91 -6.77
N GLU C 294 -19.72 27.98 -7.44
CA GLU C 294 -20.48 28.54 -8.53
C GLU C 294 -20.50 27.53 -9.69
N GLN C 295 -19.37 26.92 -10.00
CA GLN C 295 -19.28 25.92 -11.04
C GLN C 295 -20.15 24.68 -10.82
N ALA C 296 -20.59 24.48 -9.58
CA ALA C 296 -21.41 23.32 -9.21
C ALA C 296 -22.86 23.68 -8.93
N GLY C 297 -23.24 24.94 -9.09
CA GLY C 297 -24.66 25.33 -8.97
C GLY C 297 -25.04 25.88 -7.61
N GLY C 298 -24.09 26.59 -7.01
CA GLY C 298 -24.27 27.14 -5.70
C GLY C 298 -23.84 28.58 -5.74
N LYS C 299 -23.76 29.20 -4.56
CA LYS C 299 -23.37 30.58 -4.47
C LYS C 299 -22.30 30.72 -3.43
N GLY C 300 -21.38 31.64 -3.68
CA GLY C 300 -20.34 31.96 -2.70
C GLY C 300 -20.42 33.45 -2.46
N SER C 301 -20.54 33.84 -1.19
CA SER C 301 -20.85 35.22 -0.81
C SER C 301 -20.06 35.77 0.39
N ASP C 302 -20.23 37.06 0.68
CA ASP C 302 -19.69 37.70 1.88
C ASP C 302 -20.80 38.25 2.77
N GLY C 303 -22.04 37.87 2.45
CA GLY C 303 -23.26 38.37 3.13
C GLY C 303 -24.02 39.40 2.31
N HIS C 304 -23.32 40.03 1.36
CA HIS C 304 -23.88 41.16 0.61
C HIS C 304 -23.63 41.10 -0.90
N GLN C 305 -22.44 40.67 -1.30
CA GLN C 305 -22.09 40.56 -2.71
C GLN C 305 -21.25 39.33 -2.96
N ARG C 306 -21.43 38.71 -4.12
CA ARG C 306 -20.71 37.49 -4.51
C ARG C 306 -19.20 37.69 -4.33
N ILE C 307 -18.53 36.65 -3.93
CA ILE C 307 -17.21 36.80 -3.39
C ILE C 307 -16.15 36.95 -4.48
N LEU C 308 -16.49 36.52 -5.70
CA LEU C 308 -15.59 36.64 -6.85
C LEU C 308 -15.64 38.03 -7.52
N ASP C 309 -16.82 38.61 -7.59
CA ASP C 309 -16.99 40.03 -7.87
C ASP C 309 -15.89 40.87 -7.27
N ILE C 310 -15.36 40.41 -6.13
CA ILE C 310 -14.46 41.20 -5.33
C ILE C 310 -13.06 41.07 -5.83
N GLN C 311 -12.39 42.23 -5.82
CA GLN C 311 -11.05 42.38 -6.34
C GLN C 311 -10.16 42.55 -5.11
N PRO C 312 -9.13 41.70 -4.97
CA PRO C 312 -8.24 41.86 -3.82
C PRO C 312 -7.40 43.12 -3.93
N GLU C 313 -7.57 44.01 -2.97
CA GLU C 313 -6.77 45.22 -2.91
C GLU C 313 -5.62 44.95 -1.94
N GLN C 314 -5.96 44.50 -0.74
CA GLN C 314 -4.98 44.20 0.29
C GLN C 314 -4.25 42.89 -0.03
N VAL C 315 -3.50 42.38 0.93
CA VAL C 315 -2.43 41.40 0.69
C VAL C 315 -2.78 40.01 1.30
N HIS C 316 -2.93 39.95 2.62
CA HIS C 316 -3.42 38.75 3.33
C HIS C 316 -4.84 39.07 3.78
N GLN C 317 -5.66 39.38 2.79
CA GLN C 317 -6.92 40.06 2.99
C GLN C 317 -7.98 39.08 3.41
N ARG C 318 -8.71 39.43 4.46
CA ARG C 318 -9.73 38.57 5.04
C ARG C 318 -11.11 38.99 4.59
N VAL C 319 -12.08 38.11 4.90
CA VAL C 319 -13.46 38.26 4.40
C VAL C 319 -14.39 37.25 5.11
N PRO C 320 -15.67 37.62 5.27
CA PRO C 320 -16.63 36.60 5.68
C PRO C 320 -16.93 35.67 4.51
N LEU C 321 -17.15 34.39 4.79
CA LEU C 321 -17.53 33.45 3.73
C LEU C 321 -18.83 32.81 4.06
N TYR C 322 -19.74 32.83 3.09
CA TYR C 322 -21.01 32.14 3.19
C TYR C 322 -21.16 31.43 1.87
N VAL C 323 -21.24 30.12 1.90
CA VAL C 323 -21.12 29.39 0.67
C VAL C 323 -21.88 28.09 0.77
N GLY C 324 -22.51 27.69 -0.33
CA GLY C 324 -23.28 26.44 -0.34
C GLY C 324 -24.44 26.42 -1.32
N SER C 325 -25.50 25.69 -0.98
CA SER C 325 -26.72 25.66 -1.76
C SER C 325 -27.10 27.08 -2.13
N THR C 326 -27.68 27.24 -3.33
CA THR C 326 -27.95 28.59 -3.86
C THR C 326 -29.05 29.32 -3.09
N GLU C 327 -30.08 28.57 -2.64
CA GLU C 327 -31.19 29.18 -1.90
C GLU C 327 -30.83 29.59 -0.48
N GLU C 328 -29.93 28.81 0.13
CA GLU C 328 -29.60 28.97 1.55
C GLU C 328 -28.76 30.22 1.78
N VAL C 329 -27.94 30.57 0.80
CA VAL C 329 -27.10 31.76 0.85
C VAL C 329 -27.92 33.03 0.60
N GLU C 330 -28.88 32.95 -0.32
CA GLU C 330 -29.77 34.06 -0.59
C GLU C 330 -30.53 34.39 0.67
N LYS C 331 -31.10 33.34 1.26
CA LYS C 331 -31.81 33.44 2.52
C LYS C 331 -30.99 34.11 3.61
N LEU C 332 -29.68 33.94 3.57
CA LEU C 332 -28.81 34.62 4.53
C LEU C 332 -28.61 36.08 4.16
N GLU C 333 -28.12 36.30 2.95
CA GLU C 333 -27.88 37.64 2.43
C GLU C 333 -29.00 38.59 2.78
N LYS C 334 -30.21 38.03 2.81
CA LYS C 334 -31.43 38.76 3.16
C LYS C 334 -31.44 39.22 4.61
N PHE C 335 -31.12 38.33 5.55
CA PHE C 335 -31.14 38.66 6.99
C PHE C 335 -30.06 39.67 7.35
N LEU C 336 -28.99 39.71 6.57
CA LEU C 336 -27.90 40.64 6.80
C LEU C 336 -28.14 41.96 6.11
N ALA C 337 -28.95 41.92 5.06
CA ALA C 337 -29.40 43.14 4.37
C ALA C 337 -29.55 44.33 5.36
N ILE D 1 10.35 1.83 18.52
CA ILE D 1 9.11 1.45 17.75
C ILE D 1 8.47 0.20 18.34
N THR D 2 7.29 0.35 18.92
CA THR D 2 6.59 -0.77 19.47
C THR D 2 5.31 -0.99 18.71
N THR D 3 5.16 -2.18 18.11
CA THR D 3 3.95 -2.46 17.38
C THR D 3 2.87 -2.87 18.35
N PHE D 4 1.67 -2.93 17.81
CA PHE D 4 0.54 -3.49 18.51
C PHE D 4 0.82 -4.93 18.91
N THR D 5 1.47 -5.67 18.01
CA THR D 5 1.80 -7.08 18.26
C THR D 5 2.70 -7.20 19.49
N THR D 6 3.89 -6.60 19.38
CA THR D 6 4.85 -6.52 20.47
C THR D 6 4.17 -6.20 21.79
N TRP D 7 3.47 -5.07 21.80
CA TRP D 7 2.84 -4.57 22.99
C TRP D 7 1.81 -5.58 23.56
N LEU D 8 0.92 -6.10 22.71
CA LEU D 8 0.00 -7.19 23.08
C LEU D 8 0.71 -8.33 23.83
N LEU D 9 1.68 -8.94 23.17
CA LEU D 9 2.48 -9.99 23.78
C LEU D 9 3.01 -9.55 25.14
N LYS D 10 3.61 -8.37 25.22
CA LYS D 10 4.17 -7.88 26.47
C LYS D 10 3.12 -7.70 27.58
N GLN D 11 1.86 -7.54 27.19
CA GLN D 11 0.75 -7.56 28.14
C GLN D 11 0.52 -8.97 28.65
N GLU D 12 0.44 -9.93 27.75
CA GLU D 12 0.39 -11.33 28.14
C GLU D 12 1.63 -11.73 28.91
N GLN D 13 2.75 -11.07 28.61
CA GLN D 13 4.03 -11.28 29.29
C GLN D 13 3.89 -10.96 30.76
N ALA D 14 3.47 -9.72 31.07
CA ALA D 14 3.14 -9.37 32.45
C ALA D 14 1.81 -10.01 32.92
N GLY D 15 1.42 -11.13 32.29
CA GLY D 15 0.22 -11.88 32.64
C GLY D 15 -1.05 -11.07 32.87
N VAL D 16 -1.12 -9.92 32.22
CA VAL D 16 -2.30 -9.06 32.29
C VAL D 16 -3.43 -9.72 31.51
N ILE D 17 -3.05 -10.46 30.47
CA ILE D 17 -3.99 -11.18 29.66
C ILE D 17 -3.47 -12.59 29.43
N ASP D 18 -4.36 -13.46 28.96
CA ASP D 18 -3.96 -14.80 28.57
C ASP D 18 -3.77 -14.85 27.06
N GLY D 19 -3.11 -15.91 26.59
CA GLY D 19 -2.94 -16.15 25.17
C GLY D 19 -4.26 -16.14 24.44
N GLU D 20 -5.22 -16.92 24.96
CA GLU D 20 -6.49 -17.10 24.29
C GLU D 20 -7.15 -15.78 23.93
N LEU D 21 -6.86 -14.75 24.74
CA LEU D 21 -7.32 -13.37 24.54
C LEU D 21 -6.39 -12.56 23.64
N THR D 22 -5.08 -12.73 23.82
CA THR D 22 -4.11 -12.06 22.95
C THR D 22 -4.48 -12.40 21.50
N ILE D 23 -5.06 -13.58 21.28
CA ILE D 23 -5.51 -13.97 19.95
C ILE D 23 -6.76 -13.20 19.52
N VAL D 24 -7.73 -13.09 20.39
CA VAL D 24 -8.96 -12.38 20.06
C VAL D 24 -8.64 -10.93 19.62
N LEU D 25 -7.84 -10.24 20.43
CA LEU D 25 -7.44 -8.85 20.17
C LEU D 25 -6.60 -8.64 18.92
N SER D 26 -5.67 -9.56 18.70
CA SER D 26 -4.87 -9.57 17.51
C SER D 26 -5.75 -9.79 16.28
N SER D 27 -6.69 -10.74 16.38
CA SER D 27 -7.64 -11.02 15.30
C SER D 27 -8.45 -9.77 14.95
N ILE D 28 -8.87 -9.07 15.99
CA ILE D 28 -9.67 -7.88 15.82
C ILE D 28 -8.92 -6.79 15.05
N SER D 29 -7.66 -6.56 15.42
CA SER D 29 -6.86 -5.50 14.78
C SER D 29 -6.81 -5.74 13.27
N LEU D 30 -6.58 -6.98 12.85
CA LEU D 30 -6.61 -7.27 11.44
C LEU D 30 -7.94 -6.83 10.82
N ALA D 31 -9.04 -7.34 11.37
CA ALA D 31 -10.37 -7.01 10.86
C ALA D 31 -10.49 -5.51 10.64
N CYS D 32 -9.89 -4.74 11.55
CA CYS D 32 -9.91 -3.29 11.44
C CYS D 32 -9.13 -2.77 10.24
N LYS D 33 -7.91 -3.26 10.07
CA LYS D 33 -7.14 -2.95 8.87
C LYS D 33 -7.97 -3.16 7.62
N GLN D 34 -8.73 -4.25 7.58
CA GLN D 34 -9.49 -4.62 6.40
C GLN D 34 -10.67 -3.68 6.15
N ILE D 35 -11.29 -3.27 7.24
CA ILE D 35 -12.41 -2.36 7.16
C ILE D 35 -11.93 -0.95 6.76
N ALA D 36 -10.73 -0.59 7.18
CA ALA D 36 -10.17 0.69 6.81
C ALA D 36 -10.11 0.78 5.30
N SER D 37 -9.61 -0.27 4.65
CA SER D 37 -9.57 -0.31 3.20
C SER D 37 -10.94 -0.07 2.61
N LEU D 38 -11.87 -0.94 2.96
CA LEU D 38 -13.24 -0.78 2.53
C LEU D 38 -13.61 0.68 2.49
N VAL D 39 -13.32 1.38 3.59
CA VAL D 39 -13.74 2.75 3.76
C VAL D 39 -12.96 3.69 2.87
N GLN D 40 -11.73 3.37 2.55
CA GLN D 40 -10.95 4.22 1.65
C GLN D 40 -11.32 3.94 0.19
N ARG D 41 -11.24 2.66 -0.21
CA ARG D 41 -11.83 2.12 -1.45
C ARG D 41 -13.35 2.36 -1.38
N ALA D 42 -13.80 3.54 -0.92
CA ALA D 42 -15.19 3.71 -0.52
C ALA D 42 -16.12 3.65 -1.71
N GLY D 43 -15.96 4.64 -2.61
CA GLY D 43 -16.81 4.76 -3.79
C GLY D 43 -16.11 4.40 -5.10
N ILE D 44 -15.12 3.49 -5.04
CA ILE D 44 -14.53 2.88 -6.24
C ILE D 44 -15.20 1.53 -6.56
N SER D 45 -15.37 0.68 -5.55
CA SER D 45 -16.11 -0.58 -5.69
C SER D 45 -17.59 -0.33 -5.89
N ASN D 46 -18.12 0.68 -5.20
CA ASN D 46 -19.52 1.06 -5.32
C ASN D 46 -19.88 1.80 -6.63
N LEU D 47 -18.92 1.93 -7.56
CA LEU D 47 -19.23 2.32 -8.95
C LEU D 47 -19.86 1.11 -9.69
N THR D 48 -19.52 -0.10 -9.24
CA THR D 48 -20.08 -1.36 -9.76
C THR D 48 -21.49 -1.61 -9.18
N GLY D 58 -27.71 9.33 1.18
CA GLY D 58 -27.63 8.32 0.13
C GLY D 58 -27.64 6.92 0.68
N GLU D 59 -27.18 5.96 -0.15
CA GLU D 59 -26.97 4.56 0.31
C GLU D 59 -25.70 3.81 -0.18
N ASP D 60 -24.60 4.09 0.52
CA ASP D 60 -23.30 3.43 0.40
C ASP D 60 -22.86 2.91 1.78
N GLN D 61 -23.10 3.74 2.80
CA GLN D 61 -22.77 3.43 4.19
C GLN D 61 -23.42 2.14 4.69
N LYS D 62 -24.70 1.94 4.38
CA LYS D 62 -25.45 0.76 4.87
C LYS D 62 -24.98 -0.57 4.27
N LYS D 63 -24.80 -0.59 2.95
CA LYS D 63 -24.30 -1.78 2.26
C LYS D 63 -22.93 -2.19 2.84
N LEU D 64 -22.23 -1.20 3.37
CA LEU D 64 -20.90 -1.35 3.93
C LEU D 64 -20.90 -1.83 5.39
N ASP D 65 -21.90 -1.42 6.17
CA ASP D 65 -22.11 -1.96 7.53
C ASP D 65 -22.06 -3.47 7.49
N VAL D 66 -22.79 -4.01 6.50
CA VAL D 66 -22.97 -5.43 6.29
C VAL D 66 -21.62 -6.15 6.12
N ILE D 67 -20.90 -5.72 5.09
CA ILE D 67 -19.65 -6.33 4.68
C ILE D 67 -18.70 -6.39 5.87
N SER D 68 -18.61 -5.30 6.61
CA SER D 68 -17.69 -5.17 7.73
C SER D 68 -17.92 -6.18 8.83
N ASN D 69 -19.15 -6.63 9.00
CA ASN D 69 -19.46 -7.70 9.94
C ASN D 69 -19.00 -9.05 9.41
N GLU D 70 -19.13 -9.25 8.09
CA GLU D 70 -18.63 -10.45 7.45
C GLU D 70 -17.14 -10.55 7.71
N VAL D 71 -16.46 -9.41 7.59
CA VAL D 71 -15.01 -9.30 7.80
C VAL D 71 -14.65 -9.67 9.24
N PHE D 72 -15.36 -9.07 10.18
CA PHE D 72 -15.23 -9.43 11.58
C PHE D 72 -15.37 -10.96 11.81
N SER D 73 -16.41 -11.54 11.19
CA SER D 73 -16.77 -12.95 11.38
C SER D 73 -15.59 -13.84 11.07
N SER D 74 -15.09 -13.71 9.84
CA SER D 74 -14.02 -14.52 9.38
C SER D 74 -12.78 -14.33 10.23
N CYS D 75 -12.47 -13.08 10.55
CA CYS D 75 -11.21 -12.78 11.26
C CYS D 75 -11.08 -13.43 12.65
N LEU D 76 -12.20 -13.82 13.25
CA LEU D 76 -12.20 -14.52 14.55
C LEU D 76 -12.76 -15.95 14.52
N ARG D 77 -13.00 -16.47 13.32
CA ARG D 77 -13.50 -17.83 13.13
C ARG D 77 -12.72 -18.81 13.97
N SER D 78 -11.41 -18.62 14.03
CA SER D 78 -10.57 -19.41 14.90
C SER D 78 -11.25 -19.28 16.24
N SER D 79 -10.95 -18.19 16.97
CA SER D 79 -11.38 -18.07 18.38
C SER D 79 -12.84 -18.46 18.71
N GLY D 80 -13.80 -18.07 17.89
CA GLY D 80 -15.20 -18.32 18.23
C GLY D 80 -16.21 -18.33 17.10
N ARG D 81 -17.48 -18.33 17.51
CA ARG D 81 -18.64 -18.34 16.65
C ARG D 81 -19.38 -17.05 16.82
N THR D 82 -19.92 -16.52 15.72
CA THR D 82 -20.36 -15.14 15.68
C THR D 82 -21.66 -14.99 14.88
N GLY D 83 -22.58 -14.19 15.42
CA GLY D 83 -23.89 -13.95 14.81
C GLY D 83 -24.28 -12.48 14.88
N ILE D 84 -25.35 -12.13 14.17
CA ILE D 84 -25.69 -10.72 13.92
C ILE D 84 -27.06 -10.31 14.42
N ILE D 85 -27.08 -9.41 15.41
CA ILE D 85 -28.28 -8.72 15.86
C ILE D 85 -28.65 -7.65 14.82
N ALA D 86 -29.73 -7.90 14.06
CA ALA D 86 -30.06 -7.11 12.86
C ALA D 86 -30.33 -5.64 13.18
N SER D 87 -30.51 -4.83 12.13
CA SER D 87 -30.75 -3.38 12.29
C SER D 87 -32.23 -3.10 12.45
N GLU D 88 -32.65 -2.96 13.71
CA GLU D 88 -34.06 -2.76 14.06
C GLU D 88 -34.61 -1.36 13.90
N GLU D 89 -33.94 -0.57 13.08
CA GLU D 89 -34.21 0.85 12.98
C GLU D 89 -33.36 1.36 11.82
N GLU D 90 -32.99 2.63 11.79
CA GLU D 90 -31.93 3.11 10.91
C GLU D 90 -30.68 2.97 11.75
N ASP D 91 -30.24 1.73 11.96
CA ASP D 91 -29.11 1.47 12.81
C ASP D 91 -28.08 0.62 12.09
N THR D 92 -26.98 0.40 12.78
CA THR D 92 -25.97 -0.52 12.33
C THR D 92 -26.35 -1.89 12.92
N PRO D 93 -26.26 -2.96 12.12
CA PRO D 93 -26.31 -4.29 12.70
C PRO D 93 -25.05 -4.59 13.47
N VAL D 94 -25.15 -5.33 14.57
CA VAL D 94 -24.04 -5.53 15.49
C VAL D 94 -23.60 -6.98 15.55
N ALA D 95 -22.35 -7.26 15.24
CA ALA D 95 -21.85 -8.62 15.37
C ALA D 95 -21.48 -8.96 16.81
N VAL D 96 -21.61 -10.24 17.15
CA VAL D 96 -21.22 -10.77 18.45
C VAL D 96 -20.50 -12.10 18.28
N GLU D 97 -19.31 -12.22 18.87
CA GLU D 97 -18.56 -13.47 18.84
C GLU D 97 -18.64 -14.09 20.21
N GLU D 98 -18.82 -15.41 20.25
CA GLU D 98 -18.85 -16.17 21.46
C GLU D 98 -17.75 -17.22 21.34
N SER D 99 -16.78 -17.13 22.24
CA SER D 99 -15.60 -17.95 22.18
C SER D 99 -16.02 -19.42 22.32
N TYR D 100 -15.37 -20.29 21.54
CA TYR D 100 -15.60 -21.73 21.67
C TYR D 100 -15.28 -22.13 23.12
N SER D 101 -14.12 -21.68 23.60
CA SER D 101 -13.74 -21.72 25.02
C SER D 101 -14.92 -21.45 25.95
N GLY D 102 -15.79 -20.55 25.52
CA GLY D 102 -16.89 -20.05 26.34
C GLY D 102 -16.39 -19.02 27.36
N ASN D 103 -15.08 -18.75 27.34
CA ASN D 103 -14.40 -17.85 28.31
C ASN D 103 -14.70 -16.37 28.06
N TYR D 104 -14.88 -16.01 26.79
CA TYR D 104 -15.00 -14.61 26.36
C TYR D 104 -16.20 -14.37 25.43
N ILE D 105 -16.68 -13.12 25.42
CA ILE D 105 -17.70 -12.65 24.43
C ILE D 105 -17.45 -11.20 23.98
N VAL D 106 -17.47 -11.01 22.67
CA VAL D 106 -17.06 -9.77 22.05
C VAL D 106 -18.22 -9.11 21.33
N VAL D 107 -18.46 -7.85 21.65
CA VAL D 107 -19.52 -7.09 20.96
C VAL D 107 -18.95 -5.98 20.09
N PHE D 108 -19.31 -6.04 18.81
CA PHE D 108 -18.63 -5.29 17.77
C PHE D 108 -19.61 -4.46 16.99
N ASP D 109 -19.55 -3.14 17.20
CA ASP D 109 -20.23 -2.17 16.33
C ASP D 109 -19.29 -1.97 15.16
N PRO D 110 -19.71 -2.36 13.95
CA PRO D 110 -18.77 -2.29 12.83
C PRO D 110 -18.43 -0.85 12.45
N LEU D 111 -19.45 0.00 12.26
CA LEU D 111 -19.24 1.41 11.92
C LEU D 111 -20.20 2.32 12.69
N ASP D 112 -19.67 3.37 13.33
CA ASP D 112 -20.47 4.24 14.19
C ASP D 112 -21.90 4.57 13.69
N GLY D 113 -22.11 4.70 12.38
CA GLY D 113 -23.37 5.20 11.84
C GLY D 113 -23.80 4.53 10.58
N SER D 114 -25.03 4.81 10.17
CA SER D 114 -25.59 4.31 8.89
C SER D 114 -26.01 5.44 7.93
N SER D 115 -25.60 6.67 8.27
CA SER D 115 -25.88 7.83 7.44
C SER D 115 -24.71 8.13 6.54
N ASN D 116 -25.00 8.42 5.29
CA ASN D 116 -23.97 8.88 4.35
C ASN D 116 -23.30 10.18 4.81
N ILE D 117 -24.12 11.12 5.26
CA ILE D 117 -23.68 12.45 5.73
C ILE D 117 -22.69 12.38 6.86
N ASP D 118 -23.04 11.59 7.89
CA ASP D 118 -22.27 11.52 9.13
C ASP D 118 -20.93 10.85 8.93
N ALA D 119 -20.84 10.02 7.89
CA ALA D 119 -19.60 9.33 7.57
C ALA D 119 -18.82 9.96 6.40
N ALA D 120 -19.15 11.19 6.05
CA ALA D 120 -18.58 11.85 4.86
C ALA D 120 -17.09 12.21 5.00
N VAL D 121 -16.59 12.22 6.24
CA VAL D 121 -15.15 12.40 6.48
C VAL D 121 -14.55 11.45 7.51
N SER D 122 -15.35 10.90 8.41
CA SER D 122 -14.80 9.92 9.37
C SER D 122 -15.84 8.95 9.86
N THR D 123 -15.38 7.78 10.31
CA THR D 123 -16.24 6.74 10.92
C THR D 123 -15.40 5.81 11.83
N GLY D 124 -15.91 4.65 12.20
CA GLY D 124 -15.14 3.77 13.09
C GLY D 124 -15.90 2.60 13.72
N SER D 125 -15.15 1.58 14.16
CA SER D 125 -15.70 0.44 14.86
C SER D 125 -15.41 0.52 16.34
N ILE D 126 -16.36 0.04 17.13
CA ILE D 126 -16.27 0.07 18.57
C ILE D 126 -16.54 -1.33 19.05
N PHE D 127 -15.85 -1.72 20.11
CA PHE D 127 -16.01 -3.04 20.64
C PHE D 127 -15.71 -3.05 22.14
N GLY D 128 -16.34 -3.98 22.84
CA GLY D 128 -16.00 -4.27 24.22
C GLY D 128 -16.03 -5.78 24.41
N ILE D 129 -15.21 -6.25 25.35
CA ILE D 129 -15.10 -7.68 25.62
C ILE D 129 -15.37 -8.06 27.09
N TYR D 130 -16.28 -9.01 27.28
CA TYR D 130 -16.70 -9.44 28.61
C TYR D 130 -16.34 -10.91 28.88
N LYS D 131 -16.92 -11.45 29.95
CA LYS D 131 -16.41 -12.63 30.63
C LYS D 131 -17.66 -13.31 31.20
N PRO D 132 -18.36 -14.08 30.33
CA PRO D 132 -19.65 -14.66 30.66
C PRO D 132 -19.56 -15.74 31.70
N ASN D 133 -20.72 -16.28 32.07
CA ASN D 133 -20.80 -17.57 32.74
C ASN D 133 -21.32 -18.62 31.79
N GLU D 134 -22.48 -18.33 31.20
CA GLU D 134 -23.29 -19.33 30.54
C GLU D 134 -23.39 -18.81 29.12
N GLU D 135 -23.41 -19.73 28.15
CA GLU D 135 -23.26 -19.36 26.76
C GLU D 135 -24.65 -19.21 26.13
N CYS D 136 -24.81 -18.16 25.35
CA CYS D 136 -25.99 -17.96 24.51
C CYS D 136 -26.10 -18.99 23.38
N LEU D 137 -24.98 -19.62 23.03
CA LEU D 137 -24.88 -20.60 21.94
C LEU D 137 -25.14 -19.88 20.60
N THR D 145 -28.23 -14.84 11.74
CA THR D 145 -29.10 -13.98 12.54
C THR D 145 -29.39 -14.57 13.92
N ILE D 146 -29.79 -13.70 14.84
CA ILE D 146 -30.04 -14.04 16.25
C ILE D 146 -31.49 -13.69 16.63
N ASP D 147 -32.34 -14.70 16.78
CA ASP D 147 -33.76 -14.51 17.10
C ASP D 147 -33.90 -13.99 18.53
N GLU D 148 -35.03 -13.35 18.83
CA GLU D 148 -35.17 -12.62 20.09
C GLU D 148 -34.58 -13.36 21.29
N VAL D 149 -35.32 -14.25 21.93
CA VAL D 149 -34.83 -14.94 23.15
C VAL D 149 -33.30 -15.16 23.14
N ALA D 150 -32.84 -16.01 22.22
CA ALA D 150 -31.43 -16.06 21.80
C ALA D 150 -30.62 -14.80 22.20
N GLN D 151 -31.05 -13.61 21.77
CA GLN D 151 -30.42 -12.34 22.17
C GLN D 151 -30.46 -12.12 23.67
N ASN D 152 -31.65 -11.78 24.18
CA ASN D 152 -31.78 -11.36 25.56
C ASN D 152 -30.74 -11.98 26.49
N CYS D 153 -30.57 -13.29 26.37
CA CYS D 153 -29.45 -13.96 27.01
C CYS D 153 -28.23 -13.04 27.09
N VAL D 154 -27.82 -12.51 25.93
CA VAL D 154 -26.65 -11.63 25.79
C VAL D 154 -26.69 -10.46 26.77
N VAL D 155 -27.80 -9.73 26.75
CA VAL D 155 -28.02 -8.60 27.66
C VAL D 155 -27.64 -9.02 29.08
N ASN D 156 -28.17 -10.17 29.50
CA ASN D 156 -27.91 -10.76 30.83
C ASN D 156 -26.49 -11.26 31.08
N VAL D 157 -25.74 -11.58 30.03
CA VAL D 157 -24.38 -12.08 30.20
C VAL D 157 -23.36 -10.93 30.09
N CYS D 158 -23.62 -9.98 29.20
CA CYS D 158 -22.83 -8.75 29.13
C CYS D 158 -23.25 -7.80 30.25
N GLN D 159 -22.43 -7.74 31.30
CA GLN D 159 -22.67 -6.84 32.44
C GLN D 159 -21.54 -5.82 32.55
N PRO D 160 -21.65 -4.68 31.83
CA PRO D 160 -20.61 -3.64 31.62
C PRO D 160 -19.92 -3.05 32.85
N GLY D 161 -20.62 -2.97 33.98
CA GLY D 161 -19.98 -2.55 35.23
C GLY D 161 -19.31 -3.68 36.01
N SER D 162 -19.10 -4.84 35.35
CA SER D 162 -18.69 -6.08 36.02
C SER D 162 -17.67 -6.84 35.19
N ASN D 163 -18.17 -7.62 34.25
CA ASN D 163 -17.37 -8.57 33.52
C ASN D 163 -16.65 -7.94 32.34
N LEU D 164 -16.83 -6.63 32.11
CA LEU D 164 -16.16 -5.93 30.99
C LEU D 164 -14.64 -5.84 31.18
N LEU D 165 -13.93 -6.63 30.38
CA LEU D 165 -12.50 -6.86 30.56
C LEU D 165 -11.66 -5.85 29.77
N SER D 166 -12.00 -5.69 28.49
CA SER D 166 -11.27 -4.80 27.60
C SER D 166 -12.24 -4.12 26.64
N ALA D 167 -11.79 -3.01 26.08
CA ALA D 167 -12.59 -2.29 25.09
C ALA D 167 -11.74 -1.35 24.28
N GLY D 168 -12.33 -0.85 23.20
CA GLY D 168 -11.62 0.04 22.31
C GLY D 168 -12.43 0.52 21.12
N TYR D 169 -11.77 1.29 20.27
CA TYR D 169 -12.36 1.68 19.00
C TYR D 169 -11.26 1.86 17.96
N CYS D 170 -11.64 1.80 16.70
CA CYS D 170 -10.72 2.14 15.62
C CYS D 170 -11.36 3.23 14.81
N MET D 171 -10.66 4.32 14.58
CA MET D 171 -11.21 5.43 13.80
C MET D 171 -10.66 5.39 12.41
N TYR D 172 -11.53 5.59 11.42
CA TYR D 172 -11.08 5.68 10.06
C TYR D 172 -11.31 7.09 9.50
N SER D 173 -10.21 7.87 9.48
CA SER D 173 -10.25 9.24 9.00
C SER D 173 -8.91 9.52 8.35
N SER D 174 -8.38 10.75 8.49
CA SER D 174 -7.14 11.22 7.84
C SER D 174 -6.00 10.33 8.21
N SER D 175 -6.03 9.91 9.47
CA SER D 175 -5.18 8.88 10.01
C SER D 175 -6.11 7.76 10.50
N VAL D 176 -5.62 6.53 10.49
CA VAL D 176 -6.34 5.42 11.14
C VAL D 176 -5.69 5.08 12.48
N ILE D 177 -6.48 5.11 13.53
CA ILE D 177 -5.97 4.95 14.89
C ILE D 177 -6.80 3.91 15.58
N LEU D 178 -6.15 3.11 16.40
CA LEU D 178 -6.81 2.10 17.20
C LEU D 178 -6.57 2.44 18.66
N VAL D 179 -7.64 2.61 19.43
CA VAL D 179 -7.56 3.03 20.82
C VAL D 179 -8.22 1.99 21.70
N LEU D 180 -7.59 1.75 22.85
CA LEU D 180 -7.78 0.49 23.54
C LEU D 180 -7.41 0.56 25.01
N SER D 181 -8.18 -0.16 25.85
CA SER D 181 -7.76 -0.43 27.22
C SER D 181 -8.14 -1.87 27.65
N VAL D 182 -7.25 -2.48 28.41
CA VAL D 182 -7.49 -3.80 28.99
C VAL D 182 -7.74 -3.71 30.50
N GLY D 183 -7.74 -2.50 31.03
CA GLY D 183 -7.94 -2.29 32.45
C GLY D 183 -6.85 -1.46 33.14
N HIS D 184 -5.77 -1.12 32.43
CA HIS D 184 -4.63 -0.41 33.04
C HIS D 184 -4.20 0.80 32.25
N GLY D 185 -5.15 1.64 31.89
CA GLY D 185 -4.84 2.82 31.11
C GLY D 185 -5.14 2.60 29.65
N VAL D 186 -5.28 3.71 28.94
CA VAL D 186 -5.68 3.70 27.55
C VAL D 186 -4.44 3.91 26.70
N TYR D 187 -4.38 3.19 25.59
CA TYR D 187 -3.24 3.29 24.68
C TYR D 187 -3.72 3.43 23.23
N GLY D 188 -3.00 4.23 22.44
CA GLY D 188 -3.38 4.53 21.07
C GLY D 188 -2.33 4.20 20.03
N PHE D 189 -2.74 3.50 18.98
CA PHE D 189 -1.82 3.04 17.94
C PHE D 189 -2.22 3.58 16.58
N THR D 190 -1.31 4.27 15.92
CA THR D 190 -1.54 4.79 14.58
C THR D 190 -1.19 3.67 13.62
N LEU D 191 -1.97 3.51 12.55
CA LEU D 191 -1.67 2.49 11.54
C LEU D 191 -0.71 3.03 10.48
N ASP D 192 0.37 2.29 10.27
CA ASP D 192 1.47 2.70 9.42
C ASP D 192 1.18 2.18 8.01
N PRO D 193 0.84 3.07 7.06
CA PRO D 193 0.39 2.62 5.74
C PRO D 193 1.43 1.87 4.91
N LEU D 194 2.64 2.41 4.82
CA LEU D 194 3.79 1.71 4.19
C LEU D 194 3.85 0.24 4.52
N TYR D 195 4.03 -0.06 5.81
CA TYR D 195 4.31 -1.42 6.25
C TYR D 195 3.10 -2.11 6.83
N GLY D 196 1.95 -1.46 6.86
CA GLY D 196 0.74 -2.10 7.35
C GLY D 196 0.88 -2.65 8.77
N GLU D 197 1.39 -1.83 9.68
CA GLU D 197 1.50 -2.20 11.08
C GLU D 197 0.98 -1.06 11.98
N PHE D 198 0.30 -1.42 13.05
CA PHE D 198 -0.07 -0.47 14.08
C PHE D 198 1.11 -0.16 14.97
N VAL D 199 1.43 1.11 15.15
CA VAL D 199 2.55 1.52 16.01
C VAL D 199 2.04 2.33 17.19
N LEU D 200 2.42 1.92 18.40
CA LEU D 200 2.03 2.61 19.59
C LEU D 200 2.44 4.09 19.45
N SER D 201 1.44 4.98 19.50
CA SER D 201 1.69 6.41 19.32
C SER D 201 1.15 7.29 20.45
N HIS D 202 0.40 6.68 21.39
CA HIS D 202 -0.10 7.38 22.58
C HIS D 202 -0.04 6.47 23.82
N GLU D 203 0.90 6.77 24.72
CA GLU D 203 1.07 6.04 25.98
C GLU D 203 0.10 6.56 27.02
N GLU D 204 -0.45 5.66 27.83
CA GLU D 204 -1.40 6.00 28.89
C GLU D 204 -1.99 7.39 28.73
N ILE D 205 -3.08 7.45 27.99
CA ILE D 205 -3.60 8.75 27.57
C ILE D 205 -4.52 9.28 28.64
N LYS D 206 -4.39 10.57 28.91
CA LYS D 206 -5.10 11.24 30.00
C LYS D 206 -5.92 12.41 29.47
N ILE D 207 -7.21 12.42 29.85
CA ILE D 207 -8.18 13.39 29.34
C ILE D 207 -8.09 14.64 30.21
N PRO D 208 -7.78 15.78 29.59
CA PRO D 208 -7.81 17.02 30.34
C PRO D 208 -9.02 17.07 31.28
N LYS D 209 -8.76 17.38 32.54
CA LYS D 209 -9.82 17.49 33.53
C LYS D 209 -10.81 18.58 33.17
N SER D 210 -10.31 19.56 32.42
CA SER D 210 -11.15 20.59 31.82
C SER D 210 -10.81 20.74 30.34
N GLY D 211 -11.80 21.20 29.58
CA GLY D 211 -11.60 21.64 28.20
C GLY D 211 -12.73 22.55 27.79
N LYS D 212 -12.42 23.58 27.00
CA LYS D 212 -13.44 24.54 26.59
C LYS D 212 -14.01 24.29 25.18
N ILE D 213 -14.47 23.05 24.98
CA ILE D 213 -15.06 22.60 23.73
C ILE D 213 -16.31 21.76 24.01
N TYR D 214 -17.31 21.90 23.15
CA TYR D 214 -18.55 21.18 23.36
C TYR D 214 -19.08 20.62 22.06
N SER D 215 -19.53 19.38 22.09
CA SER D 215 -20.00 18.69 20.92
C SER D 215 -21.44 18.32 21.04
N PHE D 216 -22.31 19.07 20.40
CA PHE D 216 -23.72 18.77 20.44
C PHE D 216 -24.30 19.08 19.09
N ASN D 217 -25.37 18.37 18.73
CA ASN D 217 -26.17 18.80 17.58
C ASN D 217 -27.10 19.95 17.95
N GLU D 218 -26.66 21.19 17.76
CA GLU D 218 -27.45 22.33 18.24
C GLU D 218 -28.66 22.63 17.38
N GLY D 219 -28.80 21.93 16.26
CA GLY D 219 -30.00 22.05 15.44
C GLY D 219 -31.23 21.58 16.20
N ASN D 220 -30.99 20.69 17.17
CA ASN D 220 -32.01 20.22 18.10
C ASN D 220 -32.17 21.08 19.34
N TYR D 221 -31.73 22.31 19.28
CA TYR D 221 -31.75 23.19 20.44
C TYR D 221 -33.16 23.38 20.98
N ALA D 222 -34.12 23.41 20.06
CA ALA D 222 -35.51 23.69 20.40
C ALA D 222 -36.28 22.44 20.79
N LEU D 223 -35.66 21.27 20.67
CA LEU D 223 -36.28 20.03 21.14
C LEU D 223 -35.77 19.65 22.53
N TRP D 224 -34.96 20.49 23.15
CA TRP D 224 -34.37 20.17 24.44
C TRP D 224 -35.13 20.74 25.65
N ASP D 225 -34.67 20.29 26.82
CA ASP D 225 -35.18 20.73 28.09
C ASP D 225 -34.63 22.13 28.39
N ASP D 226 -35.36 22.88 29.20
CA ASP D 226 -34.88 24.20 29.62
C ASP D 226 -33.62 24.03 30.45
N LYS D 227 -33.63 23.06 31.35
CA LYS D 227 -32.45 22.71 32.13
C LYS D 227 -31.21 22.66 31.25
N LEU D 228 -31.37 22.03 30.09
CA LEU D 228 -30.27 21.80 29.16
C LEU D 228 -29.94 23.03 28.32
N LYS D 229 -30.96 23.78 27.92
CA LYS D 229 -30.72 24.96 27.13
C LYS D 229 -29.87 25.93 27.95
N LYS D 230 -30.17 25.99 29.23
CA LYS D 230 -29.41 26.82 30.13
C LYS D 230 -27.95 26.40 30.19
N TYR D 231 -27.70 25.10 30.25
CA TYR D 231 -26.32 24.61 30.17
C TYR D 231 -25.65 25.14 28.92
N VAL D 232 -26.25 24.84 27.78
CA VAL D 232 -25.69 25.18 26.48
C VAL D 232 -25.48 26.68 26.31
N ASP D 233 -26.37 27.48 26.87
CA ASP D 233 -26.27 28.94 26.76
C ASP D 233 -25.20 29.49 27.71
N SER D 234 -25.16 28.95 28.92
CA SER D 234 -24.04 29.16 29.85
C SER D 234 -22.67 29.10 29.16
N LEU D 235 -22.56 28.25 28.15
CA LEU D 235 -21.28 28.02 27.47
C LEU D 235 -20.87 29.18 26.55
N LYS D 236 -21.86 29.91 26.03
CA LYS D 236 -21.63 30.87 24.95
C LYS D 236 -21.26 32.29 25.40
N ASP D 237 -21.52 32.62 26.68
CA ASP D 237 -21.07 33.91 27.20
C ASP D 237 -19.58 33.82 27.53
N PRO D 238 -18.83 34.92 27.30
CA PRO D 238 -17.37 34.77 27.18
C PRO D 238 -16.57 34.75 28.49
N GLY D 239 -15.65 33.78 28.57
CA GLY D 239 -14.50 33.88 29.46
C GLY D 239 -14.56 33.25 30.84
N PRO D 240 -14.48 34.08 31.90
CA PRO D 240 -14.29 35.55 31.83
C PRO D 240 -13.11 36.03 30.96
N SER D 241 -12.19 35.13 30.59
CA SER D 241 -11.13 35.39 29.58
C SER D 241 -11.54 36.10 28.26
N GLY D 242 -12.80 36.51 28.13
CA GLY D 242 -13.32 37.03 26.86
C GLY D 242 -13.40 35.95 25.80
N LYS D 243 -13.04 34.72 26.19
CA LYS D 243 -12.94 33.58 25.32
C LYS D 243 -14.10 32.65 25.63
N PRO D 244 -15.10 32.58 24.71
CA PRO D 244 -16.19 31.61 24.82
C PRO D 244 -15.68 30.19 24.64
N TYR D 245 -16.63 29.25 24.62
CA TYR D 245 -16.32 27.85 24.31
C TYR D 245 -16.19 27.71 22.81
N SER D 246 -15.68 26.56 22.38
CA SER D 246 -15.65 26.19 20.97
C SER D 246 -16.64 25.08 20.73
N ALA D 247 -17.34 25.13 19.61
CA ALA D 247 -18.23 24.03 19.27
C ALA D 247 -17.62 23.29 18.09
N ARG D 248 -17.49 21.97 18.20
CA ARG D 248 -17.12 21.16 17.06
C ARG D 248 -18.01 19.96 17.06
N TYR D 249 -18.69 19.69 15.95
CA TYR D 249 -19.59 18.56 15.87
C TYR D 249 -19.53 17.91 14.50
N ILE D 250 -18.71 16.89 14.40
CA ILE D 250 -18.50 16.16 13.15
C ILE D 250 -19.78 15.43 12.76
N GLY D 251 -20.49 14.94 13.77
CA GLY D 251 -21.61 14.05 13.60
C GLY D 251 -21.21 12.57 13.57
N SER D 252 -19.91 12.30 13.73
CA SER D 252 -19.39 10.94 13.80
C SER D 252 -19.08 10.62 15.27
N LEU D 253 -19.64 9.54 15.79
CA LEU D 253 -19.46 9.27 17.20
C LEU D 253 -18.02 9.04 17.60
N VAL D 254 -17.35 8.19 16.82
CA VAL D 254 -15.98 7.80 17.10
C VAL D 254 -15.05 9.00 16.94
N GLY D 255 -15.25 9.74 15.84
CA GLY D 255 -14.56 11.01 15.60
C GLY D 255 -14.70 12.01 16.74
N ASP D 256 -15.93 12.44 17.00
CA ASP D 256 -16.16 13.40 18.07
C ASP D 256 -15.60 12.90 19.41
N PHE D 257 -15.75 11.60 19.71
CA PHE D 257 -15.19 11.03 20.98
C PHE D 257 -13.65 11.00 21.02
N HIS D 258 -13.06 10.75 19.86
CA HIS D 258 -11.62 10.73 19.76
C HIS D 258 -11.00 12.11 20.03
N ARG D 259 -11.59 13.14 19.44
CA ARG D 259 -11.07 14.50 19.62
C ARG D 259 -11.15 14.89 21.08
N THR D 260 -12.28 14.56 21.67
CA THR D 260 -12.51 14.75 23.09
C THR D 260 -11.44 14.00 23.86
N MET D 261 -11.21 12.74 23.49
CA MET D 261 -10.18 11.93 24.13
C MET D 261 -8.88 12.68 24.29
N LEU D 262 -8.41 13.29 23.20
CA LEU D 262 -7.08 13.91 23.15
C LEU D 262 -7.07 15.32 23.68
N TYR D 263 -8.08 16.08 23.32
CA TYR D 263 -8.11 17.53 23.59
C TYR D 263 -9.08 17.96 24.67
N GLY D 264 -9.83 17.01 25.24
CA GLY D 264 -10.76 17.30 26.34
C GLY D 264 -12.00 18.06 25.91
N GLY D 265 -12.91 18.27 26.87
CA GLY D 265 -14.18 18.95 26.63
C GLY D 265 -15.31 17.99 26.94
N ILE D 266 -16.45 18.21 26.32
CA ILE D 266 -17.61 17.33 26.52
C ILE D 266 -18.30 16.92 25.20
N TYR D 267 -18.62 15.65 25.10
CA TYR D 267 -19.44 15.17 24.01
C TYR D 267 -20.78 14.82 24.56
N GLY D 268 -21.82 15.05 23.77
CA GLY D 268 -23.16 14.82 24.25
C GLY D 268 -24.15 14.40 23.19
N TYR D 269 -24.81 13.27 23.43
CA TYR D 269 -26.09 13.02 22.76
C TYR D 269 -27.20 12.97 23.80
N PRO D 270 -27.96 14.08 23.90
CA PRO D 270 -29.03 14.22 24.88
C PRO D 270 -30.36 13.68 24.39
N ARG D 271 -31.29 13.47 25.32
CA ARG D 271 -32.66 13.12 24.97
C ARG D 271 -33.39 14.39 24.61
N ASP D 272 -34.48 14.27 23.87
CA ASP D 272 -35.23 15.44 23.43
C ASP D 272 -36.67 15.06 23.10
N SER D 273 -37.47 16.06 22.73
CA SER D 273 -38.84 15.87 22.24
C SER D 273 -39.07 14.54 21.57
N LYS D 274 -38.43 14.34 20.43
CA LYS D 274 -38.67 13.18 19.59
C LYS D 274 -38.03 11.90 20.15
N SER D 275 -36.92 12.04 20.88
CA SER D 275 -36.16 10.88 21.38
C SER D 275 -36.16 10.82 22.90
N LYS D 276 -37.11 10.10 23.45
CA LYS D 276 -37.36 10.16 24.89
C LYS D 276 -36.18 9.72 25.72
N ASN D 277 -35.40 8.77 25.22
CA ASN D 277 -34.29 8.21 25.99
C ASN D 277 -32.93 8.26 25.31
N GLY D 278 -32.70 9.36 24.61
CA GLY D 278 -31.43 9.56 23.91
C GLY D 278 -31.49 8.94 22.54
N LYS D 279 -30.32 8.70 21.96
CA LYS D 279 -30.27 8.04 20.68
C LYS D 279 -29.19 6.97 20.60
N LEU D 280 -28.16 7.10 21.43
CA LEU D 280 -27.09 6.13 21.41
C LEU D 280 -27.46 4.93 22.26
N ARG D 281 -26.87 3.78 21.94
CA ARG D 281 -27.26 2.54 22.57
C ARG D 281 -26.29 2.17 23.67
N LEU D 282 -26.86 1.77 24.81
CA LEU D 282 -26.10 1.55 26.03
C LEU D 282 -24.94 0.56 25.82
N LEU D 283 -25.27 -0.67 25.40
CA LEU D 283 -24.30 -1.76 25.42
C LEU D 283 -23.24 -1.69 24.33
N TYR D 284 -23.64 -1.21 23.16
CA TYR D 284 -22.83 -1.24 21.96
C TYR D 284 -21.95 -0.03 21.88
N GLU D 285 -22.53 1.12 22.19
CA GLU D 285 -21.93 2.44 21.98
C GLU D 285 -21.42 3.07 23.26
N CYS D 286 -22.34 3.25 24.20
CA CYS D 286 -22.08 4.06 25.38
C CYS D 286 -21.19 3.36 26.40
N ALA D 287 -21.51 2.11 26.73
CA ALA D 287 -20.77 1.38 27.78
C ALA D 287 -19.28 1.19 27.46
N PRO D 288 -18.95 0.90 26.19
CA PRO D 288 -17.54 0.85 25.82
C PRO D 288 -16.79 2.18 25.90
N MET D 289 -17.43 3.26 25.45
CA MET D 289 -16.73 4.54 25.36
C MET D 289 -16.45 5.05 26.75
N SER D 290 -17.46 4.94 27.59
CA SER D 290 -17.37 5.43 28.92
C SER D 290 -16.26 4.73 29.65
N TYR D 291 -16.34 3.40 29.66
CA TYR D 291 -15.31 2.58 30.29
C TYR D 291 -13.92 3.07 29.89
N LEU D 292 -13.77 3.40 28.63
CA LEU D 292 -12.51 3.94 28.11
C LEU D 292 -12.21 5.33 28.65
N ALA D 293 -13.25 6.13 28.79
CA ALA D 293 -13.07 7.51 29.22
C ALA D 293 -12.75 7.57 30.69
N GLU D 294 -13.32 6.62 31.44
CA GLU D 294 -13.00 6.48 32.85
C GLU D 294 -11.53 6.05 32.98
N GLN D 295 -11.12 5.08 32.16
CA GLN D 295 -9.74 4.59 32.16
C GLN D 295 -8.69 5.66 31.80
N ALA D 296 -9.15 6.76 31.20
CA ALA D 296 -8.27 7.85 30.78
C ALA D 296 -8.40 9.10 31.65
N GLY D 297 -9.22 9.07 32.70
CA GLY D 297 -9.29 10.21 33.62
C GLY D 297 -10.42 11.18 33.32
N GLY D 298 -11.53 10.63 32.82
CA GLY D 298 -12.70 11.41 32.49
C GLY D 298 -13.91 10.77 33.10
N LYS D 299 -15.08 11.25 32.71
CA LYS D 299 -16.33 10.72 33.24
C LYS D 299 -17.27 10.43 32.10
N GLY D 300 -18.06 9.37 32.25
CA GLY D 300 -19.08 9.03 31.27
C GLY D 300 -20.38 8.94 32.03
N SER D 301 -21.40 9.68 31.59
CA SER D 301 -22.66 9.90 32.34
C SER D 301 -23.95 9.84 31.49
N ASP D 302 -25.11 9.89 32.15
CA ASP D 302 -26.41 10.01 31.49
C ASP D 302 -27.12 11.31 31.89
N GLY D 303 -26.37 12.18 32.58
CA GLY D 303 -26.89 13.42 33.15
C GLY D 303 -27.06 13.36 34.66
N HIS D 304 -27.17 12.15 35.19
CA HIS D 304 -27.55 11.94 36.58
C HIS D 304 -26.69 10.90 37.30
N GLN D 305 -26.37 9.80 36.62
CA GLN D 305 -25.57 8.73 37.20
C GLN D 305 -24.62 8.17 36.16
N ARG D 306 -23.42 7.78 36.60
CA ARG D 306 -22.39 7.22 35.72
C ARG D 306 -22.97 6.08 34.89
N ILE D 307 -22.50 5.97 33.66
CA ILE D 307 -23.22 5.20 32.68
C ILE D 307 -22.94 3.71 32.83
N LEU D 308 -21.83 3.37 33.50
CA LEU D 308 -21.46 1.96 33.75
C LEU D 308 -22.16 1.33 34.95
N ASP D 309 -22.34 2.14 36.00
CA ASP D 309 -23.30 1.85 37.08
C ASP D 309 -24.57 1.18 36.57
N ILE D 310 -24.95 1.50 35.34
CA ILE D 310 -26.21 1.06 34.78
C ILE D 310 -26.12 -0.36 34.20
N GLN D 311 -27.18 -1.10 34.46
CA GLN D 311 -27.30 -2.48 34.08
C GLN D 311 -28.33 -2.52 32.94
N PRO D 312 -27.96 -3.09 31.78
CA PRO D 312 -28.91 -3.16 30.68
C PRO D 312 -30.02 -4.14 30.97
N GLU D 313 -31.23 -3.62 31.00
CA GLU D 313 -32.39 -4.46 31.21
C GLU D 313 -32.96 -4.75 29.82
N GLN D 314 -33.20 -3.70 29.05
CA GLN D 314 -33.77 -3.84 27.71
C GLN D 314 -32.69 -4.34 26.74
N VAL D 315 -32.99 -4.29 25.44
CA VAL D 315 -32.31 -5.09 24.41
C VAL D 315 -31.46 -4.22 23.46
N HIS D 316 -32.14 -3.33 22.72
CA HIS D 316 -31.48 -2.31 21.89
C HIS D 316 -31.68 -0.99 22.62
N GLN D 317 -31.19 -0.97 23.86
CA GLN D 317 -31.56 0.01 24.86
C GLN D 317 -30.81 1.31 24.65
N ARG D 318 -31.55 2.42 24.64
CA ARG D 318 -30.98 3.73 24.38
C ARG D 318 -30.73 4.47 25.67
N VAL D 319 -30.01 5.59 25.55
CA VAL D 319 -29.59 6.36 26.71
C VAL D 319 -29.01 7.73 26.25
N PRO D 320 -29.14 8.76 27.08
CA PRO D 320 -28.34 9.95 26.84
C PRO D 320 -26.87 9.71 27.18
N LEU D 321 -25.96 10.29 26.40
CA LEU D 321 -24.55 10.19 26.72
C LEU D 321 -23.96 11.56 26.93
N TYR D 322 -23.25 11.73 28.03
CA TYR D 322 -22.45 12.93 28.27
C TYR D 322 -21.11 12.45 28.74
N VAL D 323 -20.07 12.78 28.01
CA VAL D 323 -18.80 12.12 28.24
C VAL D 323 -17.63 13.02 27.88
N GLY D 324 -16.56 12.97 28.65
CA GLY D 324 -15.41 13.82 28.38
C GLY D 324 -14.57 14.17 29.58
N SER D 325 -13.93 15.34 29.55
CA SER D 325 -13.23 15.89 30.70
C SER D 325 -14.07 15.73 31.96
N THR D 326 -13.41 15.49 33.08
CA THR D 326 -14.11 15.13 34.32
C THR D 326 -14.93 16.30 34.88
N GLU D 327 -14.39 17.51 34.79
CA GLU D 327 -15.05 18.71 35.32
C GLU D 327 -16.25 19.13 34.52
N GLU D 328 -16.18 18.92 33.20
CA GLU D 328 -17.19 19.44 32.28
C GLU D 328 -18.47 18.66 32.38
N VAL D 329 -18.36 17.37 32.70
CA VAL D 329 -19.51 16.48 32.87
C VAL D 329 -20.21 16.76 34.21
N GLU D 330 -19.42 17.02 35.24
CA GLU D 330 -19.96 17.35 36.55
C GLU D 330 -20.80 18.62 36.43
N LYS D 331 -20.18 19.62 35.81
CA LYS D 331 -20.83 20.88 35.51
C LYS D 331 -22.15 20.71 34.78
N LEU D 332 -22.27 19.67 33.96
CA LEU D 332 -23.54 19.38 33.29
C LEU D 332 -24.54 18.71 34.22
N GLU D 333 -24.14 17.58 34.79
CA GLU D 333 -24.93 16.85 35.77
C GLU D 333 -25.66 17.75 36.76
N LYS D 334 -24.98 18.85 37.11
CA LYS D 334 -25.51 19.88 37.99
C LYS D 334 -26.70 20.65 37.41
N PHE D 335 -26.60 21.10 36.17
CA PHE D 335 -27.69 21.85 35.50
C PHE D 335 -28.92 20.99 35.25
N LEU D 336 -28.72 19.69 35.12
CA LEU D 336 -29.82 18.77 34.89
C LEU D 336 -30.44 18.34 36.18
N ALA D 337 -29.65 18.40 37.26
CA ALA D 337 -30.12 18.11 38.62
C ALA D 337 -31.60 18.55 38.81
#